data_9KOQ
#
_entry.id   9KOQ
#
_cell.length_a   151.594
_cell.length_b   151.594
_cell.length_c   97.176
_cell.angle_alpha   90.000
_cell.angle_beta   90.000
_cell.angle_gamma   90.000
#
_symmetry.space_group_name_H-M   'P 4 21 2'
#
loop_
_entity.id
_entity.type
_entity.pdbx_description
1 polymer Sulfatase
2 non-polymer 'MANGANESE (II) ION'
3 water water
#
_entity_poly.entity_id   1
_entity_poly.type   'polypeptide(L)'
_entity_poly.pdbx_seq_one_letter_code
;SNMKKNQPNVVLIVVDQMRADALSLNSQDKIISTPTLDMMASQGYNFENCYSPVPSCVPARAALLTGLDQETSGRVGYED
EVPWNFKNTLPEVFKEQGYQTECIGKMHVYPSRKRLGFDHVLLHDGYLHVDRKYDKSYGEQFEYSSDYLMFLKESLGSDA
DLIDDGLNCNSWEARPWMYPEKFHPTNWVVSEGINFLRRKDPTVPFFLKLSFEKPHAPLNPPKYYFDMYMDRLPDTLDLH
IGNWEKLEHVVPDVCALRGRLKEDDQRRMLAGYYGLISHIDHQINRFLMALKEFRHDKDTIIWFISDHGDQLGEHYLFRK
GYPYQGSIRIPSFIYDPGDLISAKKHGIKELVKIQDIFPSLVDLVLGQYVNTDGKSVKQLLFGNCEGWRREIHGEHSLGL
DSSQYILTEKWKFIWFPVKNTYQLFDMINDPNEMKNLYYDKKYESIIYEMKHKLVGYLKGREEGFVKNGQLIQIGISNIV
STLKSKK
;
_entity_poly.pdbx_strand_id   A,B
#
# COMPACT_ATOMS: atom_id res chain seq x y z
N LYS A 5 20.00 33.87 -25.10
CA LYS A 5 19.73 33.41 -26.47
C LYS A 5 19.32 31.94 -26.40
N ASN A 6 18.48 31.51 -27.35
CA ASN A 6 17.94 30.13 -27.38
C ASN A 6 17.20 29.75 -26.09
N GLN A 7 16.48 30.70 -25.48
CA GLN A 7 15.81 30.45 -24.20
C GLN A 7 14.50 29.70 -24.41
N PRO A 8 14.21 28.68 -23.61
CA PRO A 8 12.96 27.93 -23.77
C PRO A 8 11.74 28.74 -23.32
N ASN A 9 10.60 28.43 -23.90
CA ASN A 9 9.36 28.97 -23.37
C ASN A 9 8.90 28.20 -22.14
N VAL A 10 8.00 28.81 -21.36
CA VAL A 10 7.49 28.21 -20.14
C VAL A 10 5.98 28.37 -20.09
N VAL A 11 5.27 27.29 -19.78
CA VAL A 11 3.84 27.36 -19.51
C VAL A 11 3.64 26.83 -18.10
N LEU A 12 3.16 27.69 -17.21
CA LEU A 12 2.73 27.27 -15.88
C LEU A 12 1.23 27.02 -15.94
N ILE A 13 0.83 25.76 -15.80
CA ILE A 13 -0.59 25.41 -15.76
C ILE A 13 -0.99 25.25 -14.32
N VAL A 14 -1.91 26.08 -13.86
CA VAL A 14 -2.41 26.02 -12.49
C VAL A 14 -3.88 25.64 -12.56
N VAL A 15 -4.29 24.69 -11.72
CA VAL A 15 -5.71 24.40 -11.50
C VAL A 15 -6.01 24.71 -10.04
N ASP A 16 -7.28 24.85 -9.73
CA ASP A 16 -7.68 25.27 -8.38
C ASP A 16 -8.43 24.15 -7.69
N GLN A 17 -7.91 23.71 -6.53
CA GLN A 17 -8.61 22.77 -5.66
C GLN A 17 -8.59 21.34 -6.20
N MET A 18 -7.56 20.96 -6.96
CA MET A 18 -7.43 19.57 -7.40
C MET A 18 -6.54 18.77 -6.45
N ARG A 19 -7.08 17.66 -5.94
CA ARG A 19 -6.33 16.75 -5.08
C ARG A 19 -5.18 16.07 -5.83
N ALA A 20 -4.08 15.81 -5.11
CA ALA A 20 -2.99 15.05 -5.72
C ALA A 20 -3.47 13.67 -6.18
N ASP A 21 -4.35 13.02 -5.40
CA ASP A 21 -4.80 11.71 -5.83
C ASP A 21 -5.95 11.76 -6.83
N ALA A 22 -6.31 12.95 -7.33
CA ALA A 22 -7.25 13.05 -8.45
C ALA A 22 -6.52 13.13 -9.79
N LEU A 23 -5.19 13.05 -9.78
CA LEU A 23 -4.41 12.65 -10.95
C LEU A 23 -4.38 11.13 -10.93
N SER A 24 -4.93 10.49 -11.98
CA SER A 24 -5.05 9.02 -12.01
C SER A 24 -3.73 8.35 -11.71
N LEU A 25 -2.63 8.88 -12.28
CA LEU A 25 -1.29 8.34 -12.04
C LEU A 25 -0.96 8.24 -10.55
N ASN A 26 -1.34 9.27 -9.77
CA ASN A 26 -1.13 9.24 -8.33
C ASN A 26 -2.15 8.40 -7.58
N SER A 27 -3.32 8.18 -8.14
CA SER A 27 -4.40 7.53 -7.43
C SER A 27 -4.15 6.02 -7.29
N GLN A 28 -4.81 5.44 -6.28
CA GLN A 28 -4.69 4.00 -6.07
C GLN A 28 -5.66 3.21 -6.95
N ASP A 29 -6.90 3.68 -7.09
CA ASP A 29 -7.92 2.90 -7.80
C ASP A 29 -8.01 3.21 -9.28
N LYS A 30 -7.40 4.30 -9.77
CA LYS A 30 -7.35 4.62 -11.21
C LYS A 30 -8.74 4.81 -11.81
N ILE A 31 -9.73 5.19 -11.01
CA ILE A 31 -11.08 5.42 -11.52
C ILE A 31 -11.15 6.71 -12.33
N ILE A 32 -10.55 7.79 -11.83
CA ILE A 32 -10.67 9.07 -12.52
C ILE A 32 -9.95 8.97 -13.86
N SER A 33 -10.51 9.61 -14.87
CA SER A 33 -9.98 9.57 -16.24
C SER A 33 -9.18 10.85 -16.48
N THR A 34 -7.85 10.73 -16.45
CA THR A 34 -6.95 11.83 -16.79
C THR A 34 -5.86 11.35 -17.74
N PRO A 35 -6.24 10.92 -18.95
CA PRO A 35 -5.22 10.31 -19.84
C PRO A 35 -4.14 11.28 -20.28
N THR A 36 -4.47 12.54 -20.56
CA THR A 36 -3.44 13.47 -21.00
C THR A 36 -2.50 13.82 -19.86
N LEU A 37 -3.04 14.11 -18.68
CA LEU A 37 -2.18 14.45 -17.55
C LEU A 37 -1.35 13.23 -17.12
N ASP A 38 -1.93 12.05 -17.18
CA ASP A 38 -1.16 10.83 -16.87
C ASP A 38 0.06 10.75 -17.78
N MET A 39 -0.16 10.93 -19.08
CA MET A 39 0.94 10.91 -20.04
C MET A 39 2.00 11.93 -19.69
N MET A 40 1.61 13.20 -19.51
CA MET A 40 2.61 14.21 -19.21
C MET A 40 3.34 13.94 -17.92
N ALA A 41 2.63 13.52 -16.87
CA ALA A 41 3.28 13.27 -15.60
C ALA A 41 4.24 12.08 -15.66
N SER A 42 3.86 11.00 -16.35
CA SER A 42 4.74 9.82 -16.36
C SER A 42 5.91 10.01 -17.31
N GLN A 43 5.72 10.80 -18.37
CA GLN A 43 6.80 11.06 -19.31
C GLN A 43 7.76 12.13 -18.81
N GLY A 44 7.38 12.91 -17.81
CA GLY A 44 8.25 13.97 -17.32
C GLY A 44 8.78 13.70 -15.92
N TYR A 45 8.72 14.69 -15.03
CA TYR A 45 9.09 14.52 -13.62
C TYR A 45 7.84 14.74 -12.77
N ASN A 46 7.30 13.66 -12.22
CA ASN A 46 6.11 13.76 -11.38
C ASN A 46 6.51 13.89 -9.92
N PHE A 47 6.01 14.95 -9.26
CA PHE A 47 6.30 15.15 -7.84
C PHE A 47 5.26 14.40 -7.02
N GLU A 48 5.67 13.26 -6.48
CA GLU A 48 4.80 12.39 -5.73
C GLU A 48 4.50 12.92 -4.33
N ASN A 49 5.28 13.89 -3.84
CA ASN A 49 5.11 14.42 -2.48
C ASN A 49 5.24 15.93 -2.52
N CYS A 50 4.33 16.58 -3.25
CA CYS A 50 4.32 18.03 -3.38
C CYS A 50 3.20 18.57 -2.51
N TYR A 51 3.48 19.68 -1.81
CA TYR A 51 2.59 20.14 -0.75
C TYR A 51 2.32 21.64 -0.84
N SER A 52 1.08 22.01 -0.51
CA SER A 52 0.66 23.38 -0.25
C SER A 52 0.62 23.56 1.27
N PRO A 53 1.64 24.20 1.89
CA PRO A 53 1.72 24.18 3.36
C PRO A 53 0.56 24.86 4.05
N VAL A 54 0.00 25.91 3.45
CA VAL A 54 -1.16 26.61 3.98
C VAL A 54 -2.26 26.46 2.93
N PRO A 55 -3.10 25.46 3.04
CA PRO A 55 -3.89 25.00 1.86
C PRO A 55 -5.22 25.73 1.67
N SER A 56 -5.14 26.98 1.20
CA SER A 56 -6.30 27.63 0.63
C SER A 56 -5.78 28.58 -0.43
N CYS A 57 -6.72 29.19 -1.17
CA CYS A 57 -6.39 29.85 -2.44
C CYS A 57 -5.35 30.94 -2.26
N VAL A 58 -5.65 31.94 -1.41
CA VAL A 58 -4.84 33.15 -1.35
C VAL A 58 -3.45 32.86 -0.77
N PRO A 59 -3.31 32.20 0.39
CA PRO A 59 -1.95 31.91 0.87
C PRO A 59 -1.16 31.00 -0.05
N ALA A 60 -1.82 30.05 -0.73
CA ALA A 60 -1.09 29.18 -1.65
C ALA A 60 -0.63 29.95 -2.89
N ARG A 61 -1.47 30.84 -3.40
CA ARG A 61 -1.05 31.58 -4.59
C ARG A 61 0.01 32.62 -4.27
N ALA A 62 -0.01 33.20 -3.07
CA ALA A 62 1.10 34.05 -2.65
C ALA A 62 2.39 33.26 -2.58
N ALA A 63 2.33 32.04 -2.02
CA ALA A 63 3.51 31.18 -1.96
C ALA A 63 4.00 30.79 -3.34
N LEU A 64 3.07 30.51 -4.27
CA LEU A 64 3.47 30.10 -5.62
C LEU A 64 4.20 31.22 -6.36
N LEU A 65 3.68 32.46 -6.25
CA LEU A 65 4.20 33.56 -7.05
C LEU A 65 5.47 34.16 -6.47
N THR A 66 5.64 34.06 -5.15
CA THR A 66 6.75 34.72 -4.45
C THR A 66 7.78 33.76 -3.87
N GLY A 67 7.45 32.47 -3.77
CA GLY A 67 8.37 31.53 -3.15
C GLY A 67 8.55 31.66 -1.65
N LEU A 68 7.73 32.48 -0.99
CA LEU A 68 7.90 32.80 0.43
C LEU A 68 7.14 31.84 1.34
N ASP A 69 7.78 31.49 2.45
CA ASP A 69 7.13 30.73 3.50
C ASP A 69 6.05 31.59 4.16
N GLN A 70 5.09 30.93 4.82
CA GLN A 70 3.91 31.65 5.31
C GLN A 70 4.30 32.67 6.38
N GLU A 71 5.36 32.42 7.15
CA GLU A 71 5.77 33.39 8.15
C GLU A 71 6.42 34.61 7.52
N THR A 72 7.12 34.45 6.39
CA THR A 72 7.72 35.60 5.73
C THR A 72 6.67 36.49 5.07
N SER A 73 5.74 35.88 4.31
CA SER A 73 4.68 36.69 3.72
C SER A 73 3.62 37.09 4.73
N GLY A 74 3.49 36.34 5.82
CA GLY A 74 2.41 36.55 6.76
C GLY A 74 1.09 35.87 6.42
N ARG A 75 0.98 35.20 5.27
CA ARG A 75 -0.27 34.59 4.82
C ARG A 75 -0.41 33.21 5.45
N VAL A 76 -1.00 33.16 6.64
CA VAL A 76 -1.11 31.91 7.38
C VAL A 76 -2.54 31.40 7.39
N GLY A 77 -3.41 32.00 6.60
CA GLY A 77 -4.80 31.60 6.50
C GLY A 77 -5.42 32.38 5.37
N TYR A 78 -6.68 32.08 5.10
CA TYR A 78 -7.39 32.75 4.01
C TYR A 78 -7.79 34.16 4.43
N GLU A 79 -7.43 35.14 3.61
CA GLU A 79 -7.90 36.51 3.81
C GLU A 79 -7.84 37.25 2.49
N ASP A 80 -8.96 37.85 2.09
CA ASP A 80 -9.04 38.62 0.86
C ASP A 80 -8.63 40.07 1.10
N GLU A 81 -8.17 40.72 0.02
CA GLU A 81 -7.88 42.15 0.02
C GLU A 81 -6.75 42.52 0.99
N VAL A 82 -5.74 41.68 1.08
CA VAL A 82 -4.50 42.01 1.76
C VAL A 82 -3.48 42.43 0.69
N PRO A 83 -2.77 43.53 0.87
CA PRO A 83 -1.88 44.02 -0.20
C PRO A 83 -0.79 43.00 -0.55
N TRP A 84 -0.47 42.95 -1.84
CA TRP A 84 0.59 42.09 -2.38
C TRP A 84 1.80 42.99 -2.63
N ASN A 85 2.59 43.20 -1.58
CA ASN A 85 3.75 44.10 -1.67
C ASN A 85 5.02 43.29 -1.91
N PHE A 86 5.00 42.59 -3.04
CA PHE A 86 6.09 41.72 -3.48
C PHE A 86 6.59 42.26 -4.81
N LYS A 87 7.87 42.58 -4.88
CA LYS A 87 8.44 42.91 -6.19
C LYS A 87 8.98 41.66 -6.87
N ASN A 88 9.63 40.79 -6.10
CA ASN A 88 10.36 39.63 -6.60
C ASN A 88 9.38 38.48 -6.77
N THR A 89 8.74 38.42 -7.94
CA THR A 89 7.79 37.39 -8.28
C THR A 89 8.29 36.59 -9.47
N LEU A 90 7.72 35.39 -9.62
CA LEU A 90 8.05 34.53 -10.75
C LEU A 90 7.90 35.21 -12.11
N PRO A 91 6.75 35.81 -12.47
CA PRO A 91 6.69 36.47 -13.79
C PRO A 91 7.63 37.66 -13.89
N GLU A 92 7.86 38.40 -12.80
CA GLU A 92 8.73 39.57 -12.87
C GLU A 92 10.15 39.17 -13.28
N VAL A 93 10.65 38.06 -12.74
CA VAL A 93 12.01 37.64 -13.08
C VAL A 93 12.08 37.25 -14.56
N PHE A 94 11.05 36.58 -15.06
CA PHE A 94 11.06 36.23 -16.48
C PHE A 94 10.95 37.49 -17.34
N LYS A 95 10.08 38.43 -16.97
CA LYS A 95 9.99 39.71 -17.66
C LYS A 95 11.33 40.42 -17.70
N GLU A 96 11.99 40.50 -16.53
CA GLU A 96 13.29 41.17 -16.45
C GLU A 96 14.31 40.53 -17.39
N GLN A 97 14.22 39.22 -17.62
CA GLN A 97 15.12 38.49 -18.50
C GLN A 97 14.68 38.53 -19.96
N GLY A 98 13.68 39.33 -20.30
CA GLY A 98 13.29 39.53 -21.69
C GLY A 98 12.13 38.68 -22.19
N TYR A 99 11.45 37.96 -21.31
CA TYR A 99 10.30 37.17 -21.71
C TYR A 99 9.05 38.04 -21.81
N GLN A 100 8.19 37.72 -22.75
CA GLN A 100 6.81 38.21 -22.71
C GLN A 100 6.02 37.37 -21.69
N THR A 101 5.36 38.03 -20.74
CA THR A 101 4.69 37.32 -19.65
C THR A 101 3.19 37.57 -19.76
N GLU A 102 2.41 36.51 -19.60
CA GLU A 102 0.96 36.56 -19.80
C GLU A 102 0.31 35.65 -18.78
N CYS A 103 -0.79 36.12 -18.17
CA CYS A 103 -1.66 35.25 -17.37
C CYS A 103 -3.06 35.23 -17.97
N ILE A 104 -3.59 34.04 -18.17
CA ILE A 104 -5.00 33.86 -18.54
C ILE A 104 -5.64 33.04 -17.42
N GLY A 105 -6.62 33.65 -16.75
CA GLY A 105 -7.42 32.95 -15.75
C GLY A 105 -7.22 33.55 -14.35
N LYS A 106 -7.10 32.67 -13.35
CA LYS A 106 -7.20 33.05 -11.95
C LYS A 106 -5.84 33.53 -11.40
N MET A 107 -5.82 34.77 -10.90
CA MET A 107 -4.71 35.35 -10.13
C MET A 107 -4.99 35.38 -8.65
N HIS A 108 -6.20 35.81 -8.30
CA HIS A 108 -6.63 35.99 -6.91
C HIS A 108 -5.71 36.92 -6.14
N VAL A 109 -5.32 38.03 -6.79
CA VAL A 109 -4.47 39.00 -6.12
C VAL A 109 -5.29 40.23 -5.76
N TYR A 110 -4.65 41.21 -5.12
CA TYR A 110 -5.32 42.41 -4.67
C TYR A 110 -4.40 43.62 -4.81
N PRO A 111 -4.86 44.72 -5.45
CA PRO A 111 -6.11 44.79 -6.24
C PRO A 111 -6.15 43.77 -7.39
N SER A 112 -7.36 43.46 -7.85
CA SER A 112 -7.58 42.31 -8.70
C SER A 112 -6.75 42.37 -9.98
N ARG A 113 -6.54 43.57 -10.52
CA ARG A 113 -5.82 43.73 -11.77
C ARG A 113 -4.36 44.19 -11.58
N LYS A 114 -3.82 44.11 -10.37
CA LYS A 114 -2.39 44.34 -10.20
C LYS A 114 -1.62 43.23 -10.93
N ARG A 115 -0.66 43.61 -11.77
CA ARG A 115 -0.10 42.61 -12.69
C ARG A 115 1.00 41.75 -12.07
N LEU A 116 1.75 42.30 -11.10
CA LEU A 116 2.75 41.52 -10.35
C LEU A 116 3.77 40.84 -11.26
N GLY A 117 4.10 41.51 -12.37
CA GLY A 117 5.14 41.02 -13.28
C GLY A 117 4.63 40.51 -14.61
N PHE A 118 3.32 40.31 -14.77
CA PHE A 118 2.75 39.93 -16.06
C PHE A 118 2.60 41.17 -16.93
N ASP A 119 3.04 41.07 -18.18
CA ASP A 119 2.80 42.16 -19.13
C ASP A 119 1.32 42.36 -19.35
N HIS A 120 0.56 41.28 -19.28
CA HIS A 120 -0.87 41.35 -19.59
C HIS A 120 -1.57 40.20 -18.88
N VAL A 121 -2.75 40.47 -18.34
CA VAL A 121 -3.55 39.49 -17.61
C VAL A 121 -4.96 39.53 -18.19
N LEU A 122 -5.46 38.39 -18.64
CA LEU A 122 -6.87 38.23 -18.99
C LEU A 122 -7.52 37.48 -17.83
N LEU A 123 -8.35 38.17 -17.05
CA LEU A 123 -8.61 37.77 -15.67
C LEU A 123 -9.93 37.01 -15.55
N HIS A 124 -9.89 35.85 -14.89
CA HIS A 124 -11.13 35.24 -14.40
C HIS A 124 -10.79 34.51 -13.10
N ASP A 125 -11.17 35.12 -11.98
CA ASP A 125 -10.87 34.55 -10.67
C ASP A 125 -11.95 33.59 -10.18
N GLY A 126 -12.93 33.25 -11.00
CA GLY A 126 -14.06 32.46 -10.50
C GLY A 126 -15.07 33.34 -9.79
N TYR A 127 -15.85 32.74 -8.88
CA TYR A 127 -16.78 33.50 -8.03
C TYR A 127 -16.01 33.97 -6.79
N LEU A 128 -15.84 35.29 -6.64
CA LEU A 128 -15.21 35.85 -5.45
C LEU A 128 -16.17 36.84 -4.81
N HIS A 129 -16.52 36.60 -3.55
CA HIS A 129 -17.46 37.47 -2.85
C HIS A 129 -16.98 38.92 -2.85
N VAL A 130 -15.68 39.17 -2.67
CA VAL A 130 -15.17 40.55 -2.61
C VAL A 130 -15.22 41.24 -3.96
N ASP A 131 -15.46 40.49 -5.04
CA ASP A 131 -15.68 41.05 -6.37
C ASP A 131 -17.16 41.05 -6.76
N ARG A 132 -18.06 40.67 -5.87
CA ARG A 132 -19.47 40.52 -6.23
C ARG A 132 -20.36 41.16 -5.16
N LYS A 133 -20.13 42.45 -4.92
CA LYS A 133 -20.94 43.23 -4.01
C LYS A 133 -21.48 44.44 -4.76
N TYR A 134 -22.82 44.59 -4.80
CA TYR A 134 -23.43 45.66 -5.58
C TYR A 134 -23.06 47.04 -5.09
N ASP A 135 -22.63 47.19 -3.84
CA ASP A 135 -22.24 48.52 -3.35
C ASP A 135 -20.74 48.82 -3.49
N LYS A 136 -19.95 47.93 -4.05
CA LYS A 136 -18.52 48.21 -4.25
C LYS A 136 -18.27 48.74 -5.66
N SER A 137 -17.03 49.20 -5.92
CA SER A 137 -16.72 49.94 -7.16
C SER A 137 -17.10 49.19 -8.43
N TYR A 138 -17.83 49.90 -9.29
CA TYR A 138 -18.36 49.34 -10.53
C TYR A 138 -17.29 48.63 -11.35
N GLY A 139 -16.19 49.33 -11.64
CA GLY A 139 -15.15 48.80 -12.51
C GLY A 139 -14.39 47.61 -11.95
N GLU A 140 -14.63 47.27 -10.68
CA GLU A 140 -14.00 46.15 -9.99
C GLU A 140 -14.97 45.03 -9.62
N GLN A 141 -16.21 45.05 -10.10
CA GLN A 141 -17.23 44.11 -9.66
C GLN A 141 -17.84 43.35 -10.83
N PHE A 142 -18.29 42.13 -10.54
CA PHE A 142 -19.06 41.32 -11.47
C PHE A 142 -18.38 41.25 -12.84
N GLU A 143 -19.09 41.67 -13.90
CA GLU A 143 -18.56 41.44 -15.25
C GLU A 143 -17.40 42.34 -15.58
N TYR A 144 -17.16 43.39 -14.79
CA TYR A 144 -15.97 44.23 -14.94
C TYR A 144 -14.78 43.71 -14.14
N SER A 145 -14.98 42.71 -13.29
CA SER A 145 -13.89 42.07 -12.58
C SER A 145 -13.43 40.78 -13.26
N SER A 146 -14.22 40.23 -14.18
CA SER A 146 -13.95 38.92 -14.76
C SER A 146 -14.09 39.03 -16.27
N ASP A 147 -12.99 38.84 -17.00
CA ASP A 147 -13.05 38.89 -18.44
C ASP A 147 -13.77 37.68 -19.03
N TYR A 148 -13.87 36.59 -18.26
CA TYR A 148 -14.71 35.47 -18.70
C TYR A 148 -16.19 35.82 -18.56
N LEU A 149 -16.59 36.45 -17.45
CA LEU A 149 -17.99 36.83 -17.30
C LEU A 149 -18.40 37.81 -18.40
N MET A 150 -17.51 38.72 -18.78
CA MET A 150 -17.85 39.65 -19.86
C MET A 150 -18.06 38.86 -21.17
N PHE A 151 -17.19 37.87 -21.42
CA PHE A 151 -17.31 37.01 -22.60
C PHE A 151 -18.64 36.27 -22.61
N LEU A 152 -19.07 35.78 -21.44
CA LEU A 152 -20.36 35.11 -21.33
C LEU A 152 -21.52 36.06 -21.64
N LYS A 153 -21.45 37.30 -21.15
CA LYS A 153 -22.51 38.27 -21.48
C LYS A 153 -22.48 38.60 -22.97
N GLU A 154 -21.29 38.69 -23.57
CA GLU A 154 -21.21 38.91 -25.01
C GLU A 154 -21.73 37.70 -25.79
N SER A 155 -21.57 36.49 -25.25
CA SER A 155 -21.93 35.26 -25.94
C SER A 155 -23.40 34.86 -25.76
N LEU A 156 -23.93 35.03 -24.56
CA LEU A 156 -25.27 34.60 -24.20
C LEU A 156 -26.24 35.76 -24.00
N GLY A 157 -25.76 36.99 -24.02
CA GLY A 157 -26.64 38.11 -23.71
C GLY A 157 -26.44 38.60 -22.30
N SER A 158 -26.80 39.86 -22.07
CA SER A 158 -26.53 40.52 -20.80
C SER A 158 -27.23 39.84 -19.62
N ASP A 159 -28.24 39.00 -19.87
CA ASP A 159 -28.90 38.30 -18.77
C ASP A 159 -27.97 37.34 -18.05
N ALA A 160 -26.98 36.79 -18.75
CA ALA A 160 -26.19 35.67 -18.23
C ALA A 160 -25.33 36.09 -17.03
N ASP A 161 -25.15 35.16 -16.10
CA ASP A 161 -24.30 35.40 -14.94
C ASP A 161 -23.68 34.08 -14.47
N LEU A 162 -22.78 34.19 -13.49
CA LEU A 162 -22.01 33.04 -13.01
C LEU A 162 -22.81 32.11 -12.13
N ILE A 163 -23.97 32.52 -11.62
CA ILE A 163 -24.66 31.68 -10.65
C ILE A 163 -26.06 31.29 -11.13
N ASP A 164 -26.26 31.30 -12.46
CA ASP A 164 -27.58 31.04 -13.02
C ASP A 164 -28.12 29.65 -12.67
N ASP A 165 -27.25 28.65 -12.43
CA ASP A 165 -27.78 27.33 -12.08
C ASP A 165 -27.99 27.12 -10.58
N GLY A 166 -27.67 28.11 -9.75
CA GLY A 166 -27.91 28.03 -8.33
C GLY A 166 -26.84 27.31 -7.51
N LEU A 167 -25.72 26.91 -8.12
CA LEU A 167 -24.65 26.26 -7.36
C LEU A 167 -23.73 27.30 -6.70
N ASN A 168 -23.46 27.10 -5.41
CA ASN A 168 -22.57 27.97 -4.65
C ASN A 168 -21.11 27.53 -4.79
N CYS A 169 -20.18 28.50 -4.82
CA CYS A 169 -18.78 28.17 -5.02
C CYS A 169 -18.13 27.48 -3.81
N ASN A 170 -18.78 27.46 -2.63
CA ASN A 170 -18.24 26.73 -1.49
C ASN A 170 -19.05 25.49 -1.16
N SER A 171 -19.79 24.95 -2.14
CA SER A 171 -20.84 23.97 -1.89
C SER A 171 -20.49 22.61 -2.47
N TRP A 172 -20.95 21.56 -1.79
CA TRP A 172 -20.87 20.18 -2.29
C TRP A 172 -21.97 19.84 -3.29
N GLU A 173 -22.94 20.73 -3.51
CA GLU A 173 -23.99 20.46 -4.51
C GLU A 173 -23.37 20.43 -5.91
N ALA A 174 -23.94 19.60 -6.79
CA ALA A 174 -23.39 19.45 -8.14
C ALA A 174 -24.50 19.15 -9.14
N ARG A 175 -24.28 19.55 -10.38
CA ARG A 175 -25.16 19.24 -11.51
C ARG A 175 -24.46 19.71 -12.79
N PRO A 176 -24.90 19.22 -13.95
CA PRO A 176 -24.23 19.61 -15.20
C PRO A 176 -24.37 21.10 -15.49
N TRP A 177 -23.35 21.62 -16.20
CA TRP A 177 -23.41 22.94 -16.81
C TRP A 177 -24.70 23.11 -17.59
N MET A 178 -25.40 24.24 -17.39
CA MET A 178 -26.74 24.40 -17.94
C MET A 178 -26.78 25.07 -19.31
N TYR A 179 -25.65 25.54 -19.83
CA TYR A 179 -25.55 26.26 -21.09
C TYR A 179 -24.80 25.41 -22.13
N PRO A 180 -24.73 25.85 -23.39
CA PRO A 180 -23.92 25.11 -24.36
C PRO A 180 -22.48 24.93 -23.88
N GLU A 181 -21.96 23.73 -24.10
CA GLU A 181 -20.64 23.34 -23.60
C GLU A 181 -19.54 24.31 -24.04
N LYS A 182 -19.65 24.85 -25.26
CA LYS A 182 -18.58 25.70 -25.80
C LYS A 182 -18.35 26.97 -24.97
N PHE A 183 -19.30 27.35 -24.11
CA PHE A 183 -19.17 28.56 -23.30
C PHE A 183 -18.58 28.31 -21.90
N HIS A 184 -18.16 27.08 -21.61
CA HIS A 184 -17.66 26.73 -20.29
C HIS A 184 -16.36 27.49 -19.99
N PRO A 185 -16.14 27.90 -18.73
CA PRO A 185 -14.90 28.65 -18.42
C PRO A 185 -13.63 27.86 -18.62
N THR A 186 -13.68 26.52 -18.55
CA THR A 186 -12.46 25.75 -18.82
C THR A 186 -12.08 25.84 -20.29
N ASN A 187 -13.06 25.72 -21.20
CA ASN A 187 -12.77 25.94 -22.63
C ASN A 187 -12.22 27.33 -22.87
N TRP A 188 -12.79 28.33 -22.20
CA TRP A 188 -12.37 29.72 -22.39
C TRP A 188 -10.88 29.92 -22.08
N VAL A 189 -10.40 29.34 -20.97
CA VAL A 189 -8.98 29.49 -20.64
C VAL A 189 -8.10 29.03 -21.80
N VAL A 190 -8.41 27.85 -22.36
CA VAL A 190 -7.59 27.35 -23.46
C VAL A 190 -7.82 28.14 -24.75
N SER A 191 -9.08 28.54 -25.03
CA SER A 191 -9.31 29.36 -26.22
C SER A 191 -8.45 30.63 -26.18
N GLU A 192 -8.41 31.29 -25.02
CA GLU A 192 -7.65 32.51 -24.88
C GLU A 192 -6.15 32.24 -24.83
N GLY A 193 -5.74 31.09 -24.31
CA GLY A 193 -4.33 30.71 -24.41
C GLY A 193 -3.87 30.56 -25.85
N ILE A 194 -4.73 29.99 -26.70
CA ILE A 194 -4.44 29.92 -28.13
C ILE A 194 -4.42 31.31 -28.75
N ASN A 195 -5.34 32.19 -28.34
CA ASN A 195 -5.31 33.56 -28.83
C ASN A 195 -4.00 34.24 -28.46
N PHE A 196 -3.48 33.97 -27.26
CA PHE A 196 -2.19 34.56 -26.89
C PHE A 196 -1.09 34.05 -27.81
N LEU A 197 -1.05 32.74 -28.04
CA LEU A 197 -0.04 32.17 -28.93
C LEU A 197 -0.12 32.78 -30.33
N ARG A 198 -1.34 33.05 -30.80
CA ARG A 198 -1.49 33.70 -32.12
C ARG A 198 -0.91 35.10 -32.15
N ARG A 199 -1.11 35.86 -31.07
CA ARG A 199 -0.84 37.29 -31.08
C ARG A 199 0.43 37.66 -30.33
N LYS A 200 1.22 36.69 -29.89
CA LYS A 200 2.38 37.03 -29.07
C LYS A 200 3.48 37.66 -29.92
N ASP A 201 4.38 38.36 -29.23
CA ASP A 201 5.59 38.94 -29.83
C ASP A 201 6.51 37.82 -30.29
N PRO A 202 6.77 37.67 -31.60
CA PRO A 202 7.58 36.54 -32.07
C PRO A 202 9.07 36.70 -31.80
N THR A 203 9.52 37.87 -31.35
CA THR A 203 10.94 38.13 -31.19
C THR A 203 11.47 37.77 -29.81
N VAL A 204 10.62 37.30 -28.90
CA VAL A 204 11.03 36.96 -27.53
C VAL A 204 10.33 35.68 -27.10
N PRO A 205 10.95 34.93 -26.19
CA PRO A 205 10.27 33.77 -25.61
C PRO A 205 9.12 34.20 -24.71
N PHE A 206 8.25 33.25 -24.38
CA PHE A 206 7.08 33.58 -23.56
C PHE A 206 7.06 32.77 -22.27
N PHE A 207 6.51 33.40 -21.24
CA PHE A 207 6.14 32.75 -19.99
C PHE A 207 4.64 32.94 -19.87
N LEU A 208 3.88 31.85 -19.94
CA LEU A 208 2.42 31.88 -19.99
C LEU A 208 1.89 31.12 -18.78
N LYS A 209 1.06 31.76 -17.97
CA LYS A 209 0.34 31.09 -16.90
C LYS A 209 -1.10 30.87 -17.36
N LEU A 210 -1.51 29.60 -17.43
CA LEU A 210 -2.87 29.20 -17.74
C LEU A 210 -3.50 28.72 -16.45
N SER A 211 -4.43 29.49 -15.91
CA SER A 211 -4.87 29.31 -14.52
C SER A 211 -6.37 29.03 -14.53
N PHE A 212 -6.72 27.74 -14.44
CA PHE A 212 -8.09 27.28 -14.45
C PHE A 212 -8.76 27.50 -13.10
N GLU A 213 -10.00 28.00 -13.10
CA GLU A 213 -10.68 28.12 -11.82
C GLU A 213 -11.23 26.78 -11.34
N LYS A 214 -11.51 25.86 -12.25
CA LYS A 214 -11.96 24.53 -11.90
C LYS A 214 -10.76 23.67 -11.50
N PRO A 215 -10.98 22.56 -10.77
CA PRO A 215 -12.24 21.96 -10.33
C PRO A 215 -12.83 22.54 -9.04
N HIS A 216 -12.41 23.73 -8.63
CA HIS A 216 -13.10 24.49 -7.58
C HIS A 216 -14.57 24.67 -7.95
N ALA A 217 -15.45 24.52 -6.96
CA ALA A 217 -16.89 24.65 -7.19
C ALA A 217 -17.22 26.03 -7.74
N PRO A 218 -18.39 26.21 -8.39
CA PRO A 218 -19.51 25.31 -8.70
C PRO A 218 -19.08 24.03 -9.40
N LEU A 219 -19.62 22.91 -8.92
CA LEU A 219 -19.33 21.60 -9.51
C LEU A 219 -20.30 21.38 -10.68
N ASN A 220 -20.00 22.05 -11.79
CA ASN A 220 -20.84 21.97 -12.99
C ASN A 220 -20.02 21.71 -14.25
N PRO A 221 -19.51 20.50 -14.42
CA PRO A 221 -18.84 20.16 -15.69
C PRO A 221 -19.87 20.00 -16.79
N PRO A 222 -19.45 20.00 -18.05
CA PRO A 222 -20.38 19.67 -19.15
C PRO A 222 -21.06 18.34 -18.89
N LYS A 223 -22.32 18.26 -19.34
CA LYS A 223 -23.17 17.08 -19.14
C LYS A 223 -22.45 15.79 -19.48
N TYR A 224 -21.69 15.76 -20.56
CA TYR A 224 -21.03 14.52 -20.96
C TYR A 224 -20.19 13.95 -19.83
N TYR A 225 -19.43 14.82 -19.15
CA TYR A 225 -18.50 14.35 -18.12
C TYR A 225 -19.24 14.06 -16.81
N PHE A 226 -20.27 14.85 -16.49
CA PHE A 226 -21.09 14.54 -15.32
C PHE A 226 -21.73 13.16 -15.45
N ASP A 227 -22.43 12.91 -16.57
CA ASP A 227 -23.06 11.62 -16.79
C ASP A 227 -22.06 10.48 -16.78
N MET A 228 -20.88 10.72 -17.36
CA MET A 228 -19.83 9.69 -17.39
C MET A 228 -19.60 9.11 -16.00
N TYR A 229 -19.45 9.98 -14.99
CA TYR A 229 -19.16 9.50 -13.64
C TYR A 229 -20.42 9.01 -12.94
N MET A 230 -21.58 9.65 -13.14
CA MET A 230 -22.80 9.10 -12.54
C MET A 230 -23.08 7.70 -13.05
N ASP A 231 -22.79 7.44 -14.32
CA ASP A 231 -23.04 6.13 -14.89
C ASP A 231 -22.05 5.08 -14.41
N ARG A 232 -20.87 5.46 -13.90
CA ARG A 232 -19.85 4.45 -13.67
C ARG A 232 -19.06 4.58 -12.37
N LEU A 233 -19.32 5.57 -11.51
CA LEU A 233 -18.65 5.55 -10.22
C LEU A 233 -19.06 4.30 -9.44
N PRO A 234 -18.15 3.76 -8.63
CA PRO A 234 -18.51 2.57 -7.83
C PRO A 234 -19.69 2.83 -6.93
N ASP A 235 -20.36 1.73 -6.55
CA ASP A 235 -21.54 1.83 -5.70
C ASP A 235 -21.20 2.35 -4.31
N THR A 236 -20.08 1.90 -3.75
CA THR A 236 -19.61 2.35 -2.45
C THR A 236 -18.50 3.38 -2.62
N LEU A 237 -18.64 4.53 -1.98
CA LEU A 237 -17.62 5.57 -2.01
C LEU A 237 -16.99 5.69 -0.63
N ASP A 238 -15.69 5.40 -0.55
CA ASP A 238 -14.96 5.33 0.71
C ASP A 238 -14.59 6.73 1.19
N LEU A 239 -15.00 7.05 2.42
CA LEU A 239 -14.64 8.32 3.06
C LEU A 239 -13.42 8.19 3.96
N HIS A 240 -12.83 7.00 4.06
CA HIS A 240 -11.62 6.73 4.86
C HIS A 240 -11.80 7.12 6.32
N ILE A 241 -12.89 6.65 6.92
CA ILE A 241 -13.21 7.01 8.30
C ILE A 241 -12.38 6.11 9.22
N GLY A 242 -11.52 6.72 10.03
CA GLY A 242 -10.68 5.97 10.94
C GLY A 242 -11.11 6.09 12.39
N ASN A 243 -10.14 6.29 13.29
CA ASN A 243 -10.36 6.14 14.73
C ASN A 243 -10.45 7.47 15.47
N TRP A 244 -10.58 8.59 14.75
CA TRP A 244 -10.49 9.90 15.38
C TRP A 244 -11.56 10.89 14.95
N GLU A 245 -12.25 10.65 13.84
CA GLU A 245 -13.25 11.60 13.36
C GLU A 245 -14.49 11.56 14.25
N LYS A 246 -15.20 12.68 14.31
CA LYS A 246 -16.41 12.81 15.11
C LYS A 246 -17.48 13.48 14.26
N LEU A 247 -18.62 12.82 14.11
CA LEU A 247 -19.76 13.34 13.36
C LEU A 247 -20.67 14.15 14.27
N GLU A 248 -21.14 15.30 13.78
CA GLU A 248 -21.98 16.18 14.57
C GLU A 248 -23.48 15.89 14.44
N HIS A 249 -23.89 15.17 13.39
CA HIS A 249 -25.26 14.64 13.23
C HIS A 249 -26.29 15.74 13.02
N VAL A 250 -25.99 16.66 12.11
CA VAL A 250 -26.90 17.73 11.74
C VAL A 250 -27.09 17.71 10.23
N VAL A 251 -28.20 18.30 9.79
CA VAL A 251 -28.41 18.53 8.35
C VAL A 251 -27.25 19.37 7.82
N PRO A 252 -26.56 18.96 6.76
CA PRO A 252 -25.38 19.72 6.33
C PRO A 252 -25.76 21.04 5.69
N ASP A 253 -25.11 22.11 6.15
CA ASP A 253 -25.12 23.39 5.44
C ASP A 253 -24.67 23.17 4.01
N VAL A 254 -25.29 23.88 3.06
CA VAL A 254 -24.90 23.66 1.67
C VAL A 254 -23.45 24.07 1.43
N CYS A 255 -22.86 24.89 2.31
CA CYS A 255 -21.44 25.22 2.24
C CYS A 255 -20.66 24.68 3.45
N ALA A 256 -21.08 23.51 3.95
CA ALA A 256 -20.52 22.94 5.18
C ALA A 256 -19.01 22.74 5.08
N LEU A 257 -18.34 22.90 6.23
CA LEU A 257 -16.94 22.56 6.38
C LEU A 257 -16.72 21.13 6.85
N ARG A 258 -17.77 20.50 7.39
CA ARG A 258 -17.70 19.14 7.89
C ARG A 258 -19.09 18.53 7.85
N GLY A 259 -19.13 17.21 7.90
CA GLY A 259 -20.38 16.48 7.96
C GLY A 259 -20.34 15.29 7.03
N ARG A 260 -21.55 14.80 6.73
CA ARG A 260 -21.74 13.59 5.96
C ARG A 260 -22.96 13.81 5.09
N LEU A 261 -22.83 13.55 3.80
CA LEU A 261 -23.93 13.75 2.86
C LEU A 261 -24.71 12.46 2.68
N LYS A 262 -25.98 12.60 2.24
CA LYS A 262 -26.66 11.45 1.67
C LYS A 262 -25.81 10.83 0.56
N GLU A 263 -25.93 9.50 0.40
CA GLU A 263 -25.18 8.78 -0.62
C GLU A 263 -25.31 9.41 -1.99
N ASP A 264 -26.54 9.76 -2.39
CA ASP A 264 -26.74 10.33 -3.72
C ASP A 264 -26.04 11.67 -3.85
N ASP A 265 -26.00 12.46 -2.78
CA ASP A 265 -25.30 13.74 -2.84
C ASP A 265 -23.79 13.56 -2.92
N GLN A 266 -23.23 12.60 -2.17
CA GLN A 266 -21.79 12.34 -2.27
C GLN A 266 -21.43 11.89 -3.67
N ARG A 267 -22.27 11.04 -4.26
CA ARG A 267 -22.03 10.55 -5.62
C ARG A 267 -22.08 11.69 -6.63
N ARG A 268 -23.09 12.56 -6.52
CA ARG A 268 -23.16 13.72 -7.41
C ARG A 268 -21.97 14.64 -7.24
N MET A 269 -21.47 14.79 -6.00
CA MET A 269 -20.33 15.67 -5.79
C MET A 269 -19.09 15.10 -6.47
N LEU A 270 -18.88 13.80 -6.36
CA LEU A 270 -17.74 13.17 -7.03
C LEU A 270 -17.88 13.26 -8.54
N ALA A 271 -19.10 13.07 -9.06
CA ALA A 271 -19.30 13.16 -10.51
C ALA A 271 -19.03 14.57 -11.02
N GLY A 272 -19.46 15.59 -10.27
CA GLY A 272 -19.16 16.96 -10.68
C GLY A 272 -17.67 17.26 -10.61
N TYR A 273 -17.02 16.85 -9.51
CA TYR A 273 -15.60 17.13 -9.30
C TYR A 273 -14.71 16.40 -10.30
N TYR A 274 -14.85 15.06 -10.37
CA TYR A 274 -14.12 14.28 -11.37
C TYR A 274 -14.44 14.72 -12.80
N GLY A 275 -15.72 15.02 -13.07
CA GLY A 275 -16.08 15.48 -14.39
C GLY A 275 -15.34 16.75 -14.78
N LEU A 276 -15.23 17.71 -13.86
CA LEU A 276 -14.49 18.94 -14.14
C LEU A 276 -13.04 18.65 -14.45
N ILE A 277 -12.45 17.67 -13.76
CA ILE A 277 -11.04 17.30 -13.93
C ILE A 277 -10.82 16.62 -15.27
N SER A 278 -11.72 15.70 -15.66
CA SER A 278 -11.55 15.03 -16.94
C SER A 278 -11.75 16.02 -18.09
N HIS A 279 -12.61 17.02 -17.87
CA HIS A 279 -12.82 18.08 -18.84
C HIS A 279 -11.56 18.93 -19.00
N ILE A 280 -10.95 19.33 -17.87
CA ILE A 280 -9.68 20.05 -17.92
C ILE A 280 -8.66 19.22 -18.69
N ASP A 281 -8.67 17.90 -18.46
CA ASP A 281 -7.69 17.03 -19.11
C ASP A 281 -7.81 17.09 -20.63
N HIS A 282 -9.03 17.02 -21.16
CA HIS A 282 -9.24 17.16 -22.61
C HIS A 282 -8.82 18.54 -23.10
N GLN A 283 -9.15 19.58 -22.34
CA GLN A 283 -8.85 20.94 -22.81
C GLN A 283 -7.35 21.22 -22.76
N ILE A 284 -6.62 20.62 -21.84
CA ILE A 284 -5.17 20.75 -21.85
C ILE A 284 -4.58 20.04 -23.06
N ASN A 285 -5.16 18.88 -23.44
CA ASN A 285 -4.73 18.23 -24.69
C ASN A 285 -4.95 19.13 -25.89
N ARG A 286 -6.10 19.79 -25.95
CA ARG A 286 -6.34 20.83 -26.95
C ARG A 286 -5.20 21.84 -26.98
N PHE A 287 -4.78 22.31 -25.81
CA PHE A 287 -3.68 23.28 -25.76
C PHE A 287 -2.38 22.68 -26.26
N LEU A 288 -2.08 21.42 -25.90
CA LEU A 288 -0.89 20.74 -26.41
C LEU A 288 -0.90 20.69 -27.94
N MET A 289 -2.06 20.41 -28.52
CA MET A 289 -2.14 20.31 -29.97
C MET A 289 -1.86 21.66 -30.61
N ALA A 290 -2.37 22.73 -29.99
CA ALA A 290 -2.12 24.08 -30.48
C ALA A 290 -0.64 24.43 -30.37
N LEU A 291 0.02 24.03 -29.27
CA LEU A 291 1.45 24.30 -29.14
C LEU A 291 2.21 23.73 -30.32
N LYS A 292 1.84 22.52 -30.76
CA LYS A 292 2.54 21.91 -31.87
C LYS A 292 2.26 22.65 -33.17
N GLU A 293 1.04 23.20 -33.32
CA GLU A 293 0.73 24.02 -34.50
C GLU A 293 1.61 25.26 -34.57
N PHE A 294 1.99 25.83 -33.43
CA PHE A 294 2.91 26.96 -33.40
C PHE A 294 4.38 26.55 -33.35
N ARG A 295 4.68 25.26 -33.54
CA ARG A 295 6.04 24.72 -33.46
C ARG A 295 6.72 25.02 -32.13
N HIS A 296 5.96 25.00 -31.05
CA HIS A 296 6.50 25.25 -29.72
C HIS A 296 6.40 24.02 -28.83
N ASP A 297 6.10 22.84 -29.39
CA ASP A 297 5.94 21.67 -28.55
C ASP A 297 7.29 21.16 -28.04
N LYS A 298 8.39 21.43 -28.76
CA LYS A 298 9.70 20.93 -28.34
C LYS A 298 10.60 22.02 -27.75
N ASP A 299 10.16 23.28 -27.69
CA ASP A 299 10.97 24.32 -27.09
C ASP A 299 10.29 24.95 -25.89
N THR A 300 9.35 24.23 -25.28
CA THR A 300 8.57 24.71 -24.15
C THR A 300 8.62 23.70 -23.01
N ILE A 301 8.78 24.22 -21.80
CA ILE A 301 8.70 23.44 -20.58
C ILE A 301 7.38 23.79 -19.90
N ILE A 302 6.64 22.75 -19.48
CA ILE A 302 5.35 22.92 -18.84
C ILE A 302 5.46 22.40 -17.40
N TRP A 303 4.99 23.19 -16.44
CA TRP A 303 4.82 22.75 -15.07
C TRP A 303 3.34 22.84 -14.71
N PHE A 304 2.76 21.70 -14.36
CA PHE A 304 1.35 21.62 -13.93
C PHE A 304 1.30 21.57 -12.41
N ILE A 305 0.41 22.37 -11.81
CA ILE A 305 0.28 22.37 -10.35
C ILE A 305 -1.14 22.77 -9.97
N SER A 306 -1.57 22.33 -8.78
CA SER A 306 -2.78 22.82 -8.14
C SER A 306 -2.41 23.65 -6.92
N ASP A 307 -3.28 24.61 -6.56
CA ASP A 307 -2.95 25.46 -5.43
C ASP A 307 -3.18 24.78 -4.09
N HIS A 308 -4.08 23.82 -4.01
CA HIS A 308 -4.35 23.04 -2.80
C HIS A 308 -5.36 21.98 -3.21
N GLY A 309 -5.69 21.07 -2.28
CA GLY A 309 -6.65 20.02 -2.51
C GLY A 309 -8.07 20.36 -2.08
N ASP A 310 -8.84 19.30 -1.85
CA ASP A 310 -10.25 19.37 -1.47
C ASP A 310 -10.54 18.13 -0.64
N GLN A 311 -11.14 18.30 0.54
CA GLN A 311 -11.41 17.14 1.39
C GLN A 311 -12.42 16.18 0.78
N LEU A 312 -13.39 16.69 0.02
CA LEU A 312 -14.34 15.84 -0.73
C LEU A 312 -15.10 14.89 0.19
N GLY A 313 -15.42 15.31 1.40
CA GLY A 313 -16.12 14.45 2.33
C GLY A 313 -15.24 13.50 3.12
N GLU A 314 -13.97 13.31 2.72
CA GLU A 314 -13.02 12.46 3.44
C GLU A 314 -12.90 12.86 4.90
N HIS A 315 -12.89 11.86 5.80
CA HIS A 315 -12.83 12.08 7.24
C HIS A 315 -13.98 12.98 7.74
N TYR A 316 -15.10 13.00 7.01
CA TYR A 316 -16.25 13.84 7.37
C TYR A 316 -15.92 15.33 7.28
N LEU A 317 -15.05 15.70 6.33
CA LEU A 317 -14.59 17.07 6.15
C LEU A 317 -14.86 17.49 4.71
N PHE A 318 -15.16 18.78 4.51
CA PHE A 318 -15.34 19.34 3.18
C PHE A 318 -14.41 20.53 2.97
N ARG A 319 -14.29 20.95 1.71
CA ARG A 319 -13.54 22.15 1.36
C ARG A 319 -12.05 21.99 1.66
N LYS A 320 -11.40 23.00 2.22
CA LYS A 320 -9.96 22.88 2.47
C LYS A 320 -9.61 23.70 3.70
N GLY A 321 -8.33 24.04 3.84
CA GLY A 321 -7.89 24.70 5.05
C GLY A 321 -7.61 23.77 6.20
N TYR A 322 -7.54 22.45 5.96
CA TYR A 322 -7.23 21.42 6.95
C TYR A 322 -5.80 20.93 6.79
N PRO A 323 -5.22 20.31 7.82
CA PRO A 323 -3.86 19.79 7.72
C PRO A 323 -3.76 18.41 7.07
N TYR A 324 -4.86 17.80 6.67
CA TYR A 324 -4.87 16.44 6.15
C TYR A 324 -4.46 16.41 4.69
N GLN A 325 -4.10 15.19 4.23
CA GLN A 325 -3.56 15.02 2.89
C GLN A 325 -4.53 15.53 1.83
N GLY A 326 -5.84 15.36 2.05
CA GLY A 326 -6.80 15.81 1.05
C GLY A 326 -6.67 17.28 0.73
N SER A 327 -6.30 18.08 1.73
CA SER A 327 -6.12 19.53 1.58
C SER A 327 -4.71 19.90 1.13
N ILE A 328 -3.65 19.32 1.74
CA ILE A 328 -2.30 19.86 1.54
C ILE A 328 -1.54 19.20 0.38
N ARG A 329 -1.85 17.96 0.02
CA ARG A 329 -1.08 17.30 -1.03
C ARG A 329 -1.62 17.70 -2.40
N ILE A 330 -0.74 18.13 -3.29
CA ILE A 330 -1.16 18.68 -4.59
C ILE A 330 -0.50 17.92 -5.73
N PRO A 331 -1.21 17.73 -6.85
CA PRO A 331 -0.56 17.18 -8.04
C PRO A 331 0.43 18.21 -8.57
N SER A 332 1.53 17.72 -9.13
CA SER A 332 2.60 18.61 -9.57
C SER A 332 3.55 17.83 -10.46
N PHE A 333 3.80 18.32 -11.67
CA PHE A 333 4.77 17.63 -12.53
C PHE A 333 5.31 18.57 -13.59
N ILE A 334 6.52 18.25 -14.06
CA ILE A 334 7.14 18.94 -15.18
C ILE A 334 7.04 18.04 -16.40
N TYR A 335 6.58 18.60 -17.51
CA TYR A 335 6.47 17.91 -18.79
C TYR A 335 7.45 18.56 -19.77
N ASP A 336 8.35 17.76 -20.34
CA ASP A 336 9.50 18.27 -21.08
C ASP A 336 9.75 17.41 -22.31
N PRO A 337 8.80 17.37 -23.25
CA PRO A 337 8.96 16.50 -24.42
C PRO A 337 10.10 16.90 -25.33
N GLY A 338 10.57 18.14 -25.25
CA GLY A 338 11.75 18.52 -26.01
C GLY A 338 13.07 18.15 -25.38
N ASP A 339 13.05 17.54 -24.19
CA ASP A 339 14.26 17.17 -23.46
C ASP A 339 15.17 18.37 -23.22
N LEU A 340 14.57 19.51 -22.88
CA LEU A 340 15.34 20.69 -22.53
C LEU A 340 16.04 20.55 -21.18
N ILE A 341 15.56 19.66 -20.32
CA ILE A 341 16.22 19.37 -19.05
C ILE A 341 16.94 18.04 -19.22
N SER A 342 18.25 18.01 -18.97
CA SER A 342 19.05 16.84 -19.32
C SER A 342 18.88 15.68 -18.33
N ALA A 343 18.39 15.95 -17.13
CA ALA A 343 18.21 14.89 -16.13
C ALA A 343 17.28 13.80 -16.64
N LYS A 344 17.61 12.55 -16.32
CA LYS A 344 16.74 11.43 -16.67
C LYS A 344 15.34 11.64 -16.07
N LYS A 345 14.30 11.37 -16.88
CA LYS A 345 12.94 11.55 -16.39
C LYS A 345 12.55 10.43 -15.44
N HIS A 346 11.98 10.80 -14.30
CA HIS A 346 11.53 9.82 -13.31
C HIS A 346 10.64 10.55 -12.30
N GLY A 347 9.91 9.76 -11.50
CA GLY A 347 9.12 10.32 -10.42
C GLY A 347 9.98 10.71 -9.23
N ILE A 348 9.56 11.78 -8.55
CA ILE A 348 10.34 12.41 -7.48
C ILE A 348 9.58 12.23 -6.18
N LYS A 349 10.19 11.56 -5.22
CA LYS A 349 9.52 11.20 -3.97
C LYS A 349 9.78 12.15 -2.82
N GLU A 350 10.78 13.04 -2.92
CA GLU A 350 11.14 13.90 -1.81
C GLU A 350 10.07 14.98 -1.60
N LEU A 351 10.12 15.63 -0.44
CA LEU A 351 9.14 16.65 -0.06
C LEU A 351 9.38 17.95 -0.83
N VAL A 352 8.40 18.32 -1.64
CA VAL A 352 8.45 19.55 -2.42
C VAL A 352 7.30 20.45 -1.99
N LYS A 353 7.56 21.74 -1.90
CA LYS A 353 6.57 22.73 -1.51
C LYS A 353 6.19 23.60 -2.71
N ILE A 354 5.00 24.20 -2.65
CA ILE A 354 4.58 25.11 -3.72
C ILE A 354 5.54 26.30 -3.82
N GLN A 355 6.19 26.68 -2.70
CA GLN A 355 7.25 27.68 -2.68
C GLN A 355 8.42 27.35 -3.60
N ASP A 356 8.59 26.08 -3.99
CA ASP A 356 9.76 25.69 -4.76
C ASP A 356 9.65 25.99 -6.25
N ILE A 357 8.44 26.24 -6.77
CA ILE A 357 8.25 26.38 -8.21
C ILE A 357 9.06 27.56 -8.74
N PHE A 358 8.91 28.72 -8.09
CA PHE A 358 9.54 29.98 -8.50
C PHE A 358 11.06 29.78 -8.60
N PRO A 359 11.79 29.45 -7.52
CA PRO A 359 13.25 29.28 -7.66
C PRO A 359 13.64 28.17 -8.63
N SER A 360 12.84 27.11 -8.74
CA SER A 360 13.16 26.02 -9.65
C SER A 360 13.13 26.49 -11.11
N LEU A 361 12.05 27.17 -11.50
CA LEU A 361 11.95 27.60 -12.89
C LEU A 361 13.04 28.61 -13.23
N VAL A 362 13.33 29.53 -12.31
CA VAL A 362 14.34 30.55 -12.59
C VAL A 362 15.72 29.92 -12.70
N ASP A 363 16.00 28.93 -11.84
CA ASP A 363 17.25 28.17 -11.94
C ASP A 363 17.31 27.36 -13.22
N LEU A 364 16.32 26.50 -13.45
CA LEU A 364 16.35 25.60 -14.61
C LEU A 364 16.39 26.36 -15.93
N VAL A 365 15.62 27.44 -16.06
CA VAL A 365 15.44 28.08 -17.36
C VAL A 365 16.33 29.31 -17.51
N LEU A 366 16.52 30.09 -16.44
CA LEU A 366 17.21 31.37 -16.52
C LEU A 366 18.61 31.38 -15.93
N GLY A 367 19.01 30.34 -15.21
CA GLY A 367 20.32 30.32 -14.57
C GLY A 367 20.54 31.43 -13.56
N GLN A 368 19.51 31.75 -12.79
CA GLN A 368 19.62 32.79 -11.78
C GLN A 368 19.14 32.29 -10.43
N TYR A 369 19.63 32.94 -9.39
CA TYR A 369 19.14 32.80 -8.03
C TYR A 369 17.95 33.72 -7.84
N VAL A 370 17.08 33.33 -6.93
CA VAL A 370 16.10 34.22 -6.35
C VAL A 370 16.32 34.11 -4.85
N ASN A 371 16.11 35.18 -4.14
CA ASN A 371 16.36 35.12 -2.70
C ASN A 371 14.99 34.92 -2.05
N THR A 372 14.57 33.66 -1.95
CA THR A 372 13.28 33.37 -1.37
C THR A 372 13.40 32.16 -0.44
N ASP A 373 12.27 31.69 0.08
CA ASP A 373 12.30 30.58 1.03
C ASP A 373 12.32 29.23 0.32
N GLY A 374 11.60 29.10 -0.80
CA GLY A 374 11.64 27.88 -1.58
C GLY A 374 13.02 27.63 -2.17
N LYS A 375 13.21 26.40 -2.63
CA LYS A 375 14.48 25.94 -3.14
C LYS A 375 14.30 25.28 -4.50
N SER A 376 15.30 25.44 -5.37
CA SER A 376 15.24 24.82 -6.69
C SER A 376 15.31 23.30 -6.58
N VAL A 377 14.37 22.62 -7.23
CA VAL A 377 14.34 21.16 -7.25
C VAL A 377 15.34 20.57 -8.24
N LYS A 378 16.15 21.42 -8.90
CA LYS A 378 17.01 20.94 -9.98
C LYS A 378 17.88 19.77 -9.53
N GLN A 379 18.47 19.87 -8.34
CA GLN A 379 19.30 18.79 -7.81
C GLN A 379 18.52 17.48 -7.70
N LEU A 380 17.25 17.55 -7.30
CA LEU A 380 16.44 16.34 -7.19
C LEU A 380 16.26 15.67 -8.55
N LEU A 381 16.00 16.47 -9.59
CA LEU A 381 15.85 15.90 -10.92
C LEU A 381 17.09 15.13 -11.34
N PHE A 382 18.27 15.59 -10.92
CA PHE A 382 19.53 14.94 -11.24
C PHE A 382 19.92 13.88 -10.22
N GLY A 383 19.04 13.53 -9.29
CA GLY A 383 19.30 12.47 -8.34
C GLY A 383 20.18 12.84 -7.17
N ASN A 384 20.30 14.12 -6.85
CA ASN A 384 21.16 14.61 -5.78
C ASN A 384 20.29 15.21 -4.67
N CYS A 385 20.18 14.49 -3.55
CA CYS A 385 19.38 14.93 -2.41
C CYS A 385 20.17 15.70 -1.36
N GLU A 386 21.40 16.13 -1.67
CA GLU A 386 22.28 16.70 -0.67
C GLU A 386 21.70 18.01 -0.15
N GLY A 387 21.49 18.09 1.15
CA GLY A 387 20.93 19.28 1.75
C GLY A 387 19.45 19.50 1.53
N TRP A 388 18.76 18.57 0.86
CA TRP A 388 17.33 18.76 0.62
C TRP A 388 16.55 18.56 1.91
N ARG A 389 15.48 19.33 2.08
CA ARG A 389 14.70 19.33 3.30
C ARG A 389 14.16 17.93 3.61
N ARG A 390 13.96 17.67 4.89
CA ARG A 390 13.37 16.42 5.34
C ARG A 390 12.08 16.64 6.10
N GLU A 391 11.59 17.87 6.18
CA GLU A 391 10.33 18.14 6.84
C GLU A 391 9.70 19.40 6.24
N ILE A 392 8.38 19.53 6.44
CA ILE A 392 7.62 20.72 6.10
C ILE A 392 6.81 21.14 7.32
N HIS A 393 6.85 22.43 7.63
CA HIS A 393 5.95 23.00 8.63
C HIS A 393 4.83 23.73 7.91
N GLY A 394 3.59 23.30 8.16
CA GLY A 394 2.42 23.92 7.57
C GLY A 394 1.44 24.30 8.67
N GLU A 395 0.36 24.96 8.26
CA GLU A 395 -0.62 25.46 9.22
C GLU A 395 -1.79 26.06 8.46
N HIS A 396 -2.88 26.35 9.20
CA HIS A 396 -3.97 27.11 8.62
C HIS A 396 -4.85 27.63 9.74
N SER A 397 -5.29 28.89 9.63
CA SER A 397 -6.29 29.42 10.57
C SER A 397 -7.65 28.90 10.11
N LEU A 398 -8.42 28.36 11.05
CA LEU A 398 -9.74 27.82 10.69
C LEU A 398 -10.61 27.78 11.94
N GLY A 399 -10.62 28.88 12.69
CA GLY A 399 -11.37 28.92 13.93
C GLY A 399 -10.92 27.87 14.92
N LEU A 400 -11.90 27.11 15.44
CA LEU A 400 -11.63 26.03 16.38
C LEU A 400 -10.73 24.96 15.79
N ASP A 401 -10.80 24.75 14.46
CA ASP A 401 -10.01 23.75 13.76
C ASP A 401 -8.71 24.31 13.16
N SER A 402 -8.25 25.47 13.62
CA SER A 402 -6.93 25.96 13.26
C SER A 402 -5.86 24.92 13.60
N SER A 403 -4.92 24.71 12.69
CA SER A 403 -3.94 23.62 12.81
C SER A 403 -2.51 24.12 12.63
N GLN A 404 -1.59 23.35 13.20
CA GLN A 404 -0.15 23.46 13.01
C GLN A 404 0.34 22.04 12.81
N TYR A 405 1.19 21.81 11.80
CA TYR A 405 1.61 20.43 11.58
C TYR A 405 3.05 20.37 11.11
N ILE A 406 3.71 19.25 11.41
CA ILE A 406 5.00 18.88 10.85
C ILE A 406 4.79 17.66 9.98
N LEU A 407 5.26 17.73 8.74
CA LEU A 407 5.24 16.58 7.83
C LEU A 407 6.67 16.19 7.54
N THR A 408 7.02 14.93 7.82
CA THR A 408 8.32 14.39 7.42
C THR A 408 8.10 13.28 6.40
N GLU A 409 9.21 12.67 5.97
CA GLU A 409 9.07 11.57 5.02
C GLU A 409 8.37 10.37 5.65
N LYS A 410 8.21 10.35 6.97
CA LYS A 410 7.61 9.20 7.64
C LYS A 410 6.37 9.55 8.47
N TRP A 411 6.32 10.74 9.08
CA TRP A 411 5.27 11.09 10.03
C TRP A 411 4.56 12.38 9.66
N LYS A 412 3.30 12.48 10.06
CA LYS A 412 2.67 13.80 10.15
C LYS A 412 2.22 13.98 11.59
N PHE A 413 2.63 15.10 12.18
CA PHE A 413 2.27 15.44 13.54
C PHE A 413 1.46 16.73 13.52
N ILE A 414 0.26 16.69 14.10
CA ILE A 414 -0.70 17.78 13.98
C ILE A 414 -1.03 18.29 15.36
N TRP A 415 -1.07 19.62 15.51
CA TRP A 415 -1.53 20.27 16.73
C TRP A 415 -2.66 21.21 16.40
N PHE A 416 -3.78 21.07 17.13
CA PHE A 416 -4.87 22.03 17.05
C PHE A 416 -4.78 22.95 18.26
N PRO A 417 -4.21 24.16 18.13
CA PRO A 417 -3.86 24.93 19.33
C PRO A 417 -5.02 25.54 20.09
N VAL A 418 -6.18 25.73 19.46
CA VAL A 418 -7.34 26.24 20.20
C VAL A 418 -8.00 25.13 21.00
N LYS A 419 -8.04 23.91 20.45
CA LYS A 419 -8.54 22.74 21.16
C LYS A 419 -7.47 22.10 22.02
N ASN A 420 -6.20 22.41 21.76
CA ASN A 420 -5.05 21.79 22.40
C ASN A 420 -5.12 20.27 22.30
N THR A 421 -5.36 19.76 21.09
CA THR A 421 -5.34 18.34 20.82
C THR A 421 -4.28 18.04 19.75
N TYR A 422 -3.84 16.78 19.73
CA TYR A 422 -2.73 16.34 18.91
C TYR A 422 -3.08 15.06 18.16
N GLN A 423 -2.50 14.90 16.96
CA GLN A 423 -2.62 13.67 16.19
C GLN A 423 -1.27 13.30 15.60
N LEU A 424 -1.05 12.00 15.41
CA LEU A 424 0.18 11.51 14.81
C LEU A 424 -0.17 10.41 13.83
N PHE A 425 0.31 10.51 12.60
CA PHE A 425 0.02 9.50 11.58
C PHE A 425 1.32 8.99 10.97
N ASP A 426 1.36 7.69 10.73
CA ASP A 426 2.41 7.03 9.94
C ASP A 426 2.07 7.20 8.46
N MET A 427 2.76 8.12 7.78
CA MET A 427 2.41 8.39 6.39
C MET A 427 2.81 7.29 5.41
N ILE A 428 3.63 6.32 5.83
CA ILE A 428 4.00 5.25 4.92
C ILE A 428 2.94 4.15 4.93
N ASN A 429 2.59 3.69 6.13
CA ASN A 429 1.65 2.59 6.30
C ASN A 429 0.21 3.04 6.45
N ASP A 430 -0.03 4.34 6.59
CA ASP A 430 -1.37 4.88 6.82
C ASP A 430 -1.52 6.16 6.00
N PRO A 431 -1.34 6.07 4.67
CA PRO A 431 -1.30 7.30 3.85
C PRO A 431 -2.60 8.09 3.84
N ASN A 432 -3.72 7.48 4.22
CA ASN A 432 -5.01 8.15 4.28
C ASN A 432 -5.38 8.58 5.69
N GLU A 433 -4.43 8.55 6.63
CA GLU A 433 -4.58 9.14 7.96
C GLU A 433 -5.84 8.64 8.67
N MET A 434 -5.91 7.31 8.81
CA MET A 434 -7.05 6.71 9.50
C MET A 434 -6.74 6.26 10.92
N LYS A 435 -5.48 6.18 11.31
CA LYS A 435 -5.12 5.67 12.64
C LYS A 435 -4.26 6.71 13.37
N ASN A 436 -4.91 7.52 14.20
CA ASN A 436 -4.21 8.46 15.07
C ASN A 436 -3.41 7.67 16.10
N LEU A 437 -2.12 7.96 16.21
CA LEU A 437 -1.20 7.21 17.06
C LEU A 437 -0.80 7.96 18.32
N TYR A 438 -1.35 9.15 18.55
CA TYR A 438 -0.85 10.04 19.60
C TYR A 438 -0.95 9.42 20.99
N TYR A 439 -2.00 8.67 21.28
CA TYR A 439 -2.23 8.16 22.62
C TYR A 439 -1.54 6.81 22.88
N ASP A 440 -0.84 6.26 21.89
CA ASP A 440 -0.07 5.04 22.07
C ASP A 440 1.32 5.39 22.56
N LYS A 441 1.70 4.90 23.75
CA LYS A 441 2.97 5.28 24.36
C LYS A 441 4.18 4.72 23.61
N LYS A 442 3.98 3.75 22.73
CA LYS A 442 5.06 3.32 21.86
C LYS A 442 5.67 4.47 21.06
N TYR A 443 4.95 5.58 20.87
CA TYR A 443 5.41 6.66 20.01
C TYR A 443 5.87 7.89 20.80
N GLU A 444 6.08 7.77 22.12
CA GLU A 444 6.39 8.93 22.94
C GLU A 444 7.66 9.63 22.48
N SER A 445 8.65 8.86 22.04
CA SER A 445 9.89 9.46 21.56
C SER A 445 9.64 10.34 20.34
N ILE A 446 8.86 9.83 19.38
CA ILE A 446 8.55 10.58 18.16
C ILE A 446 7.79 11.84 18.52
N ILE A 447 6.78 11.71 19.40
CA ILE A 447 5.97 12.84 19.82
C ILE A 447 6.82 13.92 20.49
N TYR A 448 7.73 13.51 21.38
CA TYR A 448 8.64 14.47 22.01
C TYR A 448 9.41 15.28 20.97
N GLU A 449 9.98 14.60 19.97
CA GLU A 449 10.74 15.30 18.93
C GLU A 449 9.85 16.22 18.09
N MET A 450 8.62 15.76 17.78
CA MET A 450 7.73 16.58 16.94
C MET A 450 7.30 17.85 17.67
N LYS A 451 6.97 17.75 18.97
CA LYS A 451 6.61 18.95 19.73
C LYS A 451 7.77 19.92 19.81
N HIS A 452 8.98 19.41 20.00
CA HIS A 452 10.16 20.26 20.01
C HIS A 452 10.34 20.99 18.68
N LYS A 453 10.10 20.30 17.55
CA LYS A 453 10.15 21.00 16.26
C LYS A 453 9.12 22.13 16.19
N LEU A 454 7.89 21.87 16.62
CA LEU A 454 6.86 22.90 16.61
C LEU A 454 7.25 24.10 17.47
N VAL A 455 7.85 23.84 18.65
CA VAL A 455 8.34 24.93 19.48
C VAL A 455 9.34 25.78 18.72
N GLY A 456 10.25 25.14 17.98
CA GLY A 456 11.22 25.89 17.18
C GLY A 456 10.57 26.78 16.14
N TYR A 457 9.56 26.26 15.43
CA TYR A 457 8.90 27.05 14.39
C TYR A 457 8.06 28.18 15.00
N LEU A 458 7.47 27.94 16.15
CA LEU A 458 6.40 28.83 16.63
C LEU A 458 6.86 29.79 17.73
N LYS A 459 8.08 29.64 18.25
CA LYS A 459 8.55 30.59 19.26
C LYS A 459 8.48 32.02 18.73
N GLY A 460 7.90 32.91 19.53
CA GLY A 460 7.85 34.30 19.11
C GLY A 460 6.70 34.69 18.20
N ARG A 461 5.89 33.73 17.75
CA ARG A 461 4.71 34.09 16.98
C ARG A 461 3.75 34.91 17.83
N GLU A 462 3.10 35.89 17.19
CA GLU A 462 2.20 36.79 17.90
C GLU A 462 1.01 36.09 18.52
N GLU A 463 0.61 34.93 18.00
CA GLU A 463 -0.53 34.24 18.61
C GLU A 463 -0.23 33.71 20.00
N GLY A 464 1.04 33.63 20.40
CA GLY A 464 1.38 33.10 21.71
C GLY A 464 1.28 31.59 21.84
N PHE A 465 1.57 30.84 20.75
CA PHE A 465 1.58 29.37 20.80
C PHE A 465 2.54 28.82 21.86
N VAL A 466 3.64 29.52 22.11
CA VAL A 466 4.74 29.04 22.95
C VAL A 466 4.88 29.92 24.18
N LYS A 467 4.96 29.29 25.35
CA LYS A 467 5.26 29.96 26.61
C LYS A 467 6.24 29.09 27.39
N ASN A 468 7.38 29.67 27.78
CA ASN A 468 8.42 28.97 28.56
C ASN A 468 8.84 27.65 27.90
N GLY A 469 9.05 27.69 26.58
CA GLY A 469 9.50 26.52 25.86
C GLY A 469 8.46 25.44 25.63
N GLN A 470 7.19 25.73 25.89
CA GLN A 470 6.14 24.72 25.80
C GLN A 470 4.99 25.22 24.93
N LEU A 471 4.42 24.31 24.14
CA LEU A 471 3.20 24.59 23.40
C LEU A 471 2.01 24.67 24.36
N ILE A 472 1.25 25.75 24.28
CA ILE A 472 0.14 26.01 25.19
C ILE A 472 -1.11 26.32 24.41
N GLN A 473 -2.25 25.95 25.00
CA GLN A 473 -3.54 26.24 24.39
C GLN A 473 -3.73 27.75 24.29
N ILE A 474 -4.30 28.21 23.19
CA ILE A 474 -4.59 29.63 22.99
C ILE A 474 -6.08 29.82 22.81
N GLY A 475 -6.55 31.01 23.18
CA GLY A 475 -7.93 31.36 22.90
C GLY A 475 -8.15 31.61 21.41
N ILE A 476 -9.39 31.36 20.97
CA ILE A 476 -9.69 31.49 19.55
C ILE A 476 -9.51 32.92 19.05
N SER A 477 -9.62 33.92 19.94
CA SER A 477 -9.45 35.29 19.52
C SER A 477 -8.00 35.61 19.14
N ASN A 478 -7.05 34.75 19.52
CA ASN A 478 -5.66 34.93 19.14
C ASN A 478 -5.38 34.50 17.71
N ILE A 479 -6.30 33.75 17.09
CA ILE A 479 -6.08 33.24 15.75
C ILE A 479 -6.23 34.40 14.75
N VAL A 480 -5.27 34.49 13.83
CA VAL A 480 -5.29 35.47 12.75
C VAL A 480 -5.01 34.77 11.43
N SER A 481 -5.49 35.37 10.33
CA SER A 481 -5.25 34.86 9.00
C SER A 481 -4.06 35.53 8.33
N THR A 482 -3.68 36.72 8.78
CA THR A 482 -2.51 37.40 8.27
C THR A 482 -1.73 37.93 9.47
N LEU A 483 -0.44 37.62 9.52
CA LEU A 483 0.42 38.09 10.59
C LEU A 483 0.66 39.59 10.50
N LYS A 484 0.73 40.23 11.65
CA LYS A 484 1.10 41.64 11.75
C LYS A 484 2.62 41.79 11.78
N ASN B 6 6.07 -24.15 37.46
CA ASN B 6 5.52 -23.31 36.37
C ASN B 6 5.81 -23.81 34.95
N GLN B 7 4.98 -24.70 34.42
CA GLN B 7 5.19 -25.20 33.05
C GLN B 7 3.94 -25.02 32.22
N PRO B 8 3.89 -24.03 31.35
CA PRO B 8 2.74 -23.88 30.44
C PRO B 8 2.65 -25.05 29.47
N ASN B 9 1.42 -25.40 29.11
CA ASN B 9 1.25 -26.34 28.00
C ASN B 9 1.45 -25.60 26.68
N VAL B 10 1.71 -26.37 25.63
CA VAL B 10 1.97 -25.84 24.30
C VAL B 10 1.12 -26.62 23.30
N VAL B 11 0.39 -25.89 22.45
CA VAL B 11 -0.21 -26.48 21.25
C VAL B 11 0.44 -25.84 20.03
N LEU B 12 1.06 -26.67 19.19
CA LEU B 12 1.60 -26.22 17.90
C LEU B 12 0.61 -26.64 16.84
N ILE B 13 -0.07 -25.67 16.24
CA ILE B 13 -1.03 -25.92 15.18
C ILE B 13 -0.32 -25.71 13.85
N VAL B 14 -0.25 -26.77 13.05
CA VAL B 14 0.35 -26.71 11.72
C VAL B 14 -0.74 -26.97 10.69
N VAL B 15 -0.80 -26.11 9.66
CA VAL B 15 -1.62 -26.34 8.47
C VAL B 15 -0.68 -26.49 7.28
N ASP B 16 -1.17 -27.08 6.21
CA ASP B 16 -0.33 -27.40 5.07
C ASP B 16 -0.76 -26.58 3.87
N GLN B 17 0.19 -25.83 3.30
CA GLN B 17 0.01 -25.12 2.03
C GLN B 17 -0.92 -23.90 2.16
N MET B 18 -1.01 -23.30 3.36
CA MET B 18 -1.78 -22.08 3.56
C MET B 18 -0.91 -20.84 3.30
N ARG B 19 -1.36 -19.97 2.40
CA ARG B 19 -0.66 -18.71 2.11
C ARG B 19 -0.75 -17.75 3.30
N ALA B 20 0.28 -16.91 3.44
CA ALA B 20 0.25 -15.89 4.49
C ALA B 20 -0.91 -14.93 4.29
N ASP B 21 -1.19 -14.55 3.04
CA ASP B 21 -2.29 -13.62 2.80
C ASP B 21 -3.65 -14.29 2.78
N ALA B 22 -3.75 -15.60 3.05
CA ALA B 22 -5.03 -16.25 3.26
C ALA B 22 -5.45 -16.24 4.73
N LEU B 23 -4.65 -15.65 5.60
CA LEU B 23 -5.16 -15.21 6.90
C LEU B 23 -5.77 -13.83 6.66
N SER B 24 -7.06 -13.67 6.99
CA SER B 24 -7.74 -12.43 6.66
C SER B 24 -6.98 -11.22 7.21
N LEU B 25 -6.48 -11.33 8.44
CA LEU B 25 -5.74 -10.24 9.07
C LEU B 25 -4.57 -9.77 8.21
N ASN B 26 -3.82 -10.70 7.60
CA ASN B 26 -2.76 -10.35 6.66
C ASN B 26 -3.25 -9.96 5.27
N SER B 27 -4.46 -10.36 4.91
CA SER B 27 -4.93 -10.09 3.55
C SER B 27 -5.20 -8.61 3.38
N GLN B 28 -5.20 -8.17 2.10
CA GLN B 28 -5.52 -6.79 1.79
C GLN B 28 -7.01 -6.60 1.55
N ASP B 29 -7.66 -7.54 0.87
CA ASP B 29 -9.06 -7.37 0.52
C ASP B 29 -10.03 -7.88 1.58
N LYS B 30 -9.56 -8.68 2.55
CA LYS B 30 -10.37 -9.18 3.68
C LYS B 30 -11.54 -10.06 3.22
N ILE B 31 -11.43 -10.67 2.04
CA ILE B 31 -12.52 -11.48 1.52
C ILE B 31 -12.63 -12.80 2.27
N ILE B 32 -11.48 -13.48 2.47
CA ILE B 32 -11.47 -14.77 3.15
C ILE B 32 -12.02 -14.60 4.57
N SER B 33 -12.83 -15.56 5.00
CA SER B 33 -13.43 -15.56 6.34
C SER B 33 -12.58 -16.43 7.27
N THR B 34 -11.78 -15.80 8.13
CA THR B 34 -11.02 -16.51 9.17
C THR B 34 -11.22 -15.82 10.52
N PRO B 35 -12.46 -15.77 11.03
CA PRO B 35 -12.70 -14.95 12.24
C PRO B 35 -11.97 -15.44 13.47
N THR B 36 -11.84 -16.76 13.66
CA THR B 36 -11.15 -17.26 14.84
C THR B 36 -9.65 -17.00 14.77
N LEU B 37 -9.04 -17.29 13.61
CA LEU B 37 -7.60 -17.05 13.46
C LEU B 37 -7.29 -15.55 13.50
N ASP B 38 -8.17 -14.72 12.92
CA ASP B 38 -8.01 -13.27 13.02
C ASP B 38 -7.89 -12.83 14.48
N MET B 39 -8.84 -13.27 15.31
CA MET B 39 -8.84 -12.89 16.72
C MET B 39 -7.56 -13.36 17.40
N MET B 40 -7.19 -14.64 17.19
CA MET B 40 -5.98 -15.20 17.79
C MET B 40 -4.74 -14.39 17.39
N ALA B 41 -4.58 -14.11 16.10
CA ALA B 41 -3.38 -13.45 15.62
C ALA B 41 -3.32 -12.00 16.09
N SER B 42 -4.45 -11.30 16.05
CA SER B 42 -4.46 -9.89 16.46
C SER B 42 -4.34 -9.73 17.96
N GLN B 43 -4.78 -10.72 18.73
CA GLN B 43 -4.66 -10.65 20.17
C GLN B 43 -3.30 -11.13 20.68
N GLY B 44 -2.55 -11.86 19.86
CA GLY B 44 -1.24 -12.32 20.31
C GLY B 44 -0.11 -11.59 19.61
N TYR B 45 0.85 -12.35 19.08
CA TYR B 45 1.97 -11.82 18.29
C TYR B 45 1.89 -12.39 16.89
N ASN B 46 1.52 -11.56 15.94
CA ASN B 46 1.39 -11.98 14.55
C ASN B 46 2.69 -11.67 13.80
N PHE B 47 3.28 -12.69 13.18
CA PHE B 47 4.52 -12.51 12.43
C PHE B 47 4.15 -12.15 11.00
N GLU B 48 4.23 -10.86 10.68
CA GLU B 48 3.83 -10.33 9.38
C GLU B 48 4.83 -10.67 8.28
N ASN B 49 6.03 -11.12 8.64
CA ASN B 49 7.08 -11.42 7.67
C ASN B 49 7.73 -12.75 8.04
N CYS B 50 6.94 -13.82 7.99
CA CYS B 50 7.40 -15.16 8.32
C CYS B 50 7.56 -15.98 7.05
N TYR B 51 8.62 -16.78 6.97
CA TYR B 51 8.99 -17.37 5.69
C TYR B 51 9.37 -18.84 5.84
N SER B 52 9.01 -19.63 4.85
CA SER B 52 9.51 -20.97 4.66
C SER B 52 10.61 -20.92 3.59
N PRO B 53 11.90 -20.91 3.97
CA PRO B 53 12.96 -20.63 2.96
C PRO B 53 12.98 -21.59 1.79
N VAL B 54 12.76 -22.88 2.03
CA VAL B 54 12.66 -23.93 1.00
C VAL B 54 11.22 -24.41 0.97
N PRO B 55 10.36 -23.80 0.14
CA PRO B 55 8.88 -23.91 0.34
C PRO B 55 8.22 -25.15 -0.26
N SER B 56 8.42 -26.29 0.38
CA SER B 56 7.62 -27.49 0.11
C SER B 56 7.58 -28.33 1.37
N CYS B 57 6.72 -29.36 1.35
CA CYS B 57 6.35 -30.05 2.59
C CYS B 57 7.56 -30.57 3.36
N VAL B 58 8.33 -31.45 2.73
CA VAL B 58 9.38 -32.16 3.45
C VAL B 58 10.49 -31.23 3.94
N PRO B 59 11.09 -30.36 3.12
CA PRO B 59 12.16 -29.49 3.66
C PRO B 59 11.65 -28.49 4.69
N ALA B 60 10.42 -28.02 4.55
CA ALA B 60 9.88 -27.09 5.55
C ALA B 60 9.66 -27.79 6.89
N ARG B 61 9.17 -29.03 6.87
CA ARG B 61 8.89 -29.73 8.12
C ARG B 61 10.18 -30.19 8.80
N ALA B 62 11.21 -30.57 8.03
CA ALA B 62 12.51 -30.81 8.63
C ALA B 62 13.03 -29.55 9.32
N ALA B 63 12.84 -28.38 8.68
CA ALA B 63 13.26 -27.12 9.30
C ALA B 63 12.44 -26.79 10.55
N LEU B 64 11.12 -27.03 10.50
CA LEU B 64 10.27 -26.76 11.65
C LEU B 64 10.71 -27.61 12.85
N LEU B 65 10.94 -28.90 12.63
CA LEU B 65 11.22 -29.82 13.72
C LEU B 65 12.61 -29.68 14.30
N THR B 66 13.60 -29.25 13.49
CA THR B 66 15.00 -29.24 13.92
C THR B 66 15.58 -27.85 14.07
N GLY B 67 14.94 -26.81 13.54
CA GLY B 67 15.51 -25.48 13.50
C GLY B 67 16.69 -25.31 12.56
N LEU B 68 16.97 -26.28 11.70
CA LEU B 68 18.18 -26.27 10.88
C LEU B 68 17.96 -25.55 9.55
N ASP B 69 18.96 -24.77 9.14
CA ASP B 69 19.00 -24.23 7.78
C ASP B 69 19.14 -25.37 6.78
N GLN B 70 18.72 -25.09 5.54
CA GLN B 70 18.66 -26.14 4.52
C GLN B 70 20.05 -26.71 4.20
N GLU B 71 21.11 -25.91 4.28
CA GLU B 71 22.45 -26.45 4.07
C GLU B 71 22.86 -27.41 5.16
N THR B 72 22.43 -27.15 6.40
CA THR B 72 22.80 -28.03 7.50
C THR B 72 22.04 -29.35 7.42
N SER B 73 20.71 -29.28 7.22
CA SER B 73 19.92 -30.49 7.10
C SER B 73 20.13 -31.17 5.74
N GLY B 74 20.53 -30.40 4.73
CA GLY B 74 20.64 -30.93 3.39
C GLY B 74 19.35 -30.92 2.59
N ARG B 75 18.23 -30.48 3.18
CA ARG B 75 16.94 -30.58 2.48
C ARG B 75 16.73 -29.28 1.71
N VAL B 76 17.23 -29.26 0.47
CA VAL B 76 17.16 -28.08 -0.39
C VAL B 76 16.05 -28.19 -1.41
N GLY B 77 15.23 -29.22 -1.32
CA GLY B 77 14.10 -29.39 -2.21
C GLY B 77 13.28 -30.58 -1.73
N TYR B 78 12.29 -30.93 -2.52
CA TYR B 78 11.36 -31.97 -2.13
C TYR B 78 11.96 -33.34 -2.44
N GLU B 79 12.03 -34.20 -1.44
CA GLU B 79 12.40 -35.59 -1.69
C GLU B 79 11.82 -36.46 -0.59
N ASP B 80 11.10 -37.52 -1.00
CA ASP B 80 10.53 -38.45 -0.05
C ASP B 80 11.54 -39.55 0.30
N GLU B 81 11.34 -40.14 1.49
CA GLU B 81 12.06 -41.34 1.94
C GLU B 81 13.55 -41.09 2.12
N VAL B 82 13.89 -39.89 2.60
CA VAL B 82 15.25 -39.57 3.02
C VAL B 82 15.31 -39.66 4.55
N PRO B 83 16.33 -40.32 5.12
CA PRO B 83 16.38 -40.49 6.58
C PRO B 83 16.32 -39.16 7.34
N TRP B 84 15.64 -39.22 8.48
CA TRP B 84 15.56 -38.13 9.44
C TRP B 84 16.45 -38.51 10.62
N ASN B 85 17.75 -38.29 10.47
CA ASN B 85 18.72 -38.60 11.54
C ASN B 85 18.96 -37.37 12.40
N PHE B 86 17.92 -37.00 13.13
CA PHE B 86 17.96 -35.89 14.06
C PHE B 86 17.60 -36.41 15.45
N LYS B 87 18.40 -36.05 16.45
CA LYS B 87 18.03 -36.32 17.85
C LYS B 87 17.48 -35.10 18.55
N ASN B 88 18.02 -33.92 18.23
CA ASN B 88 17.67 -32.68 18.91
C ASN B 88 16.50 -32.04 18.16
N THR B 89 15.30 -32.49 18.51
CA THR B 89 14.08 -31.98 17.89
C THR B 89 13.21 -31.27 18.93
N LEU B 90 12.28 -30.46 18.42
CA LEU B 90 11.35 -29.68 19.20
C LEU B 90 10.61 -30.58 20.21
N PRO B 91 9.89 -31.64 19.80
CA PRO B 91 9.23 -32.47 20.83
C PRO B 91 10.19 -33.18 21.77
N GLU B 92 11.37 -33.56 21.28
CA GLU B 92 12.34 -34.25 22.13
C GLU B 92 12.78 -33.36 23.29
N VAL B 93 13.04 -32.07 23.04
CA VAL B 93 13.47 -31.18 24.14
C VAL B 93 12.35 -31.02 25.17
N PHE B 94 11.10 -30.90 24.71
CA PHE B 94 10.00 -30.80 25.64
C PHE B 94 9.84 -32.09 26.45
N LYS B 95 9.98 -33.25 25.79
CA LYS B 95 9.95 -34.51 26.51
C LYS B 95 11.04 -34.55 27.60
N GLU B 96 12.26 -34.14 27.26
CA GLU B 96 13.35 -34.13 28.23
C GLU B 96 13.03 -33.28 29.44
N GLN B 97 12.24 -32.23 29.26
CA GLN B 97 11.88 -31.37 30.36
C GLN B 97 10.59 -31.79 31.05
N GLY B 98 10.12 -33.01 30.78
CA GLY B 98 9.01 -33.59 31.52
C GLY B 98 7.64 -33.42 30.91
N TYR B 99 7.54 -33.10 29.63
CA TYR B 99 6.25 -32.95 28.97
C TYR B 99 5.81 -34.28 28.36
N GLN B 100 4.50 -34.51 28.38
CA GLN B 100 3.87 -35.47 27.47
C GLN B 100 3.85 -34.86 26.08
N THR B 101 4.33 -35.61 25.08
CA THR B 101 4.37 -35.09 23.71
C THR B 101 3.49 -35.94 22.79
N GLU B 102 2.66 -35.27 22.00
CA GLU B 102 1.66 -35.91 21.15
C GLU B 102 1.60 -35.20 19.80
N CYS B 103 1.53 -35.98 18.71
CA CYS B 103 1.19 -35.40 17.40
C CYS B 103 -0.05 -36.07 16.85
N ILE B 104 -1.03 -35.26 16.45
CA ILE B 104 -2.22 -35.71 15.71
C ILE B 104 -2.12 -35.12 14.31
N GLY B 105 -2.05 -35.99 13.30
CA GLY B 105 -2.10 -35.48 11.94
C GLY B 105 -0.83 -35.70 11.15
N LYS B 106 -0.41 -34.67 10.39
CA LYS B 106 0.62 -34.84 9.37
C LYS B 106 2.01 -34.63 9.97
N MET B 107 2.87 -35.63 9.83
CA MET B 107 4.29 -35.53 10.14
C MET B 107 5.16 -35.44 8.89
N HIS B 108 4.92 -36.32 7.91
CA HIS B 108 5.67 -36.38 6.66
C HIS B 108 7.15 -36.70 6.91
N VAL B 109 7.41 -37.62 7.84
CA VAL B 109 8.77 -38.04 8.13
C VAL B 109 8.99 -39.42 7.52
N TYR B 110 10.22 -39.92 7.65
CA TYR B 110 10.55 -41.23 7.10
C TYR B 110 11.49 -41.96 8.04
N PRO B 111 11.19 -43.22 8.42
CA PRO B 111 9.95 -43.99 8.19
C PRO B 111 8.73 -43.23 8.71
N SER B 112 7.54 -43.48 8.12
CA SER B 112 6.37 -42.66 8.40
C SER B 112 6.03 -42.59 9.88
N ARG B 113 6.22 -43.69 10.61
CA ARG B 113 5.85 -43.74 12.02
C ARG B 113 7.05 -43.52 12.95
N LYS B 114 8.17 -43.03 12.42
CA LYS B 114 9.27 -42.61 13.29
C LYS B 114 8.83 -41.41 14.13
N ARG B 115 9.01 -41.47 15.44
CA ARG B 115 8.35 -40.50 16.32
C ARG B 115 9.14 -39.21 16.54
N LEU B 116 10.47 -39.23 16.41
CA LEU B 116 11.31 -38.02 16.53
C LEU B 116 11.00 -37.18 17.76
N GLY B 117 10.74 -37.84 18.90
CA GLY B 117 10.51 -37.14 20.15
C GLY B 117 9.08 -37.12 20.64
N PHE B 118 8.11 -37.46 19.79
CA PHE B 118 6.72 -37.56 20.24
C PHE B 118 6.52 -38.88 20.97
N ASP B 119 5.93 -38.82 22.16
CA ASP B 119 5.55 -40.04 22.87
C ASP B 119 4.60 -40.89 22.03
N HIS B 120 3.66 -40.25 21.36
CA HIS B 120 2.62 -40.95 20.62
C HIS B 120 2.24 -40.10 19.43
N VAL B 121 1.97 -40.75 18.30
CA VAL B 121 1.59 -40.07 17.06
C VAL B 121 0.37 -40.77 16.47
N LEU B 122 -0.67 -40.02 16.20
CA LEU B 122 -1.83 -40.51 15.44
C LEU B 122 -1.74 -39.87 14.06
N LEU B 123 -1.42 -40.67 13.05
CA LEU B 123 -0.85 -40.15 11.81
C LEU B 123 -1.87 -40.00 10.69
N HIS B 124 -1.85 -38.85 10.04
CA HIS B 124 -2.52 -38.70 8.74
C HIS B 124 -1.72 -37.68 7.92
N ASP B 125 -0.92 -38.17 6.99
CA ASP B 125 -0.11 -37.33 6.11
C ASP B 125 -0.86 -36.82 4.87
N GLY B 126 -2.15 -37.10 4.73
CA GLY B 126 -2.86 -36.78 3.50
C GLY B 126 -2.60 -37.85 2.45
N TYR B 127 -2.70 -37.47 1.18
CA TYR B 127 -2.33 -38.36 0.07
C TYR B 127 -0.83 -38.28 -0.18
N LEU B 128 -0.12 -39.38 0.03
CA LEU B 128 1.31 -39.45 -0.27
C LEU B 128 1.57 -40.59 -1.23
N HIS B 129 2.10 -40.25 -2.42
CA HIS B 129 2.39 -41.27 -3.41
C HIS B 129 3.28 -42.38 -2.86
N VAL B 130 4.23 -42.03 -1.98
CA VAL B 130 5.14 -43.05 -1.47
C VAL B 130 4.48 -44.00 -0.47
N ASP B 131 3.27 -43.66 0.02
CA ASP B 131 2.48 -44.52 0.89
C ASP B 131 1.27 -45.13 0.17
N ARG B 132 1.15 -44.94 -1.14
CA ARG B 132 -0.01 -45.44 -1.89
C ARG B 132 0.47 -46.20 -3.12
N LYS B 133 1.30 -47.22 -2.89
CA LYS B 133 1.77 -48.12 -3.93
C LYS B 133 1.40 -49.55 -3.56
N TYR B 134 0.61 -50.19 -4.42
CA TYR B 134 0.13 -51.55 -4.18
C TYR B 134 1.26 -52.56 -4.05
N ASP B 135 2.46 -52.27 -4.56
CA ASP B 135 3.55 -53.23 -4.44
C ASP B 135 4.49 -52.96 -3.26
N LYS B 136 4.26 -51.90 -2.48
CA LYS B 136 5.09 -51.64 -1.30
C LYS B 136 4.47 -52.28 -0.04
N SER B 137 5.22 -52.22 1.07
CA SER B 137 4.87 -52.98 2.28
C SER B 137 3.45 -52.70 2.76
N TYR B 138 2.70 -53.79 2.99
CA TYR B 138 1.31 -53.68 3.42
C TYR B 138 1.16 -52.78 4.64
N GLY B 139 1.96 -53.03 5.68
CA GLY B 139 1.81 -52.30 6.93
C GLY B 139 2.10 -50.81 6.83
N GLU B 140 2.74 -50.37 5.74
CA GLU B 140 3.09 -48.97 5.56
C GLU B 140 2.29 -48.28 4.45
N GLN B 141 1.27 -48.93 3.88
CA GLN B 141 0.58 -48.38 2.72
C GLN B 141 -0.89 -48.12 3.04
N PHE B 142 -1.47 -47.18 2.30
CA PHE B 142 -2.91 -46.93 2.28
C PHE B 142 -3.50 -46.79 3.68
N GLU B 143 -4.49 -47.63 4.04
CA GLU B 143 -5.17 -47.42 5.32
C GLU B 143 -4.32 -47.83 6.50
N TYR B 144 -3.21 -48.56 6.28
CA TYR B 144 -2.28 -48.88 7.35
C TYR B 144 -1.23 -47.78 7.55
N SER B 145 -1.15 -46.83 6.61
CA SER B 145 -0.25 -45.69 6.74
C SER B 145 -0.95 -44.46 7.32
N SER B 146 -2.27 -44.43 7.28
CA SER B 146 -3.06 -43.28 7.70
C SER B 146 -4.13 -43.74 8.67
N ASP B 147 -4.05 -43.24 9.90
CA ASP B 147 -5.07 -43.53 10.91
C ASP B 147 -6.37 -42.79 10.61
N TYR B 148 -6.31 -41.72 9.83
CA TYR B 148 -7.55 -41.11 9.37
C TYR B 148 -8.24 -42.02 8.34
N LEU B 149 -7.47 -42.50 7.36
CA LEU B 149 -8.11 -43.36 6.35
C LEU B 149 -8.71 -44.61 7.00
N MET B 150 -8.05 -45.15 8.03
CA MET B 150 -8.62 -46.30 8.71
C MET B 150 -9.94 -45.91 9.38
N PHE B 151 -9.96 -44.75 10.02
CA PHE B 151 -11.20 -44.18 10.56
C PHE B 151 -12.27 -44.06 9.49
N LEU B 152 -11.89 -43.61 8.29
CA LEU B 152 -12.84 -43.48 7.19
C LEU B 152 -13.45 -44.84 6.83
N LYS B 153 -12.62 -45.90 6.77
CA LYS B 153 -13.13 -47.24 6.49
C LYS B 153 -13.98 -47.78 7.63
N GLU B 154 -13.62 -47.50 8.87
CA GLU B 154 -14.48 -47.94 9.98
C GLU B 154 -15.81 -47.18 9.98
N SER B 155 -15.82 -45.95 9.46
CA SER B 155 -16.98 -45.05 9.48
C SER B 155 -17.91 -45.24 8.29
N LEU B 156 -17.35 -45.39 7.09
CA LEU B 156 -18.13 -45.44 5.86
C LEU B 156 -18.15 -46.83 5.23
N GLY B 157 -17.35 -47.76 5.72
CA GLY B 157 -17.24 -49.06 5.11
C GLY B 157 -15.90 -49.20 4.39
N SER B 158 -15.50 -50.47 4.22
CA SER B 158 -14.17 -50.75 3.69
C SER B 158 -13.97 -50.25 2.27
N ASP B 159 -15.05 -50.01 1.53
CA ASP B 159 -14.88 -49.51 0.17
C ASP B 159 -14.47 -48.04 0.11
N ALA B 160 -14.53 -47.30 1.22
CA ALA B 160 -14.18 -45.88 1.20
C ALA B 160 -12.67 -45.70 1.05
N ASP B 161 -12.27 -44.64 0.32
CA ASP B 161 -10.87 -44.31 0.11
C ASP B 161 -10.71 -42.80 -0.04
N LEU B 162 -9.46 -42.35 0.00
CA LEU B 162 -9.13 -40.93 -0.06
C LEU B 162 -9.40 -40.28 -1.42
N ILE B 163 -9.48 -41.04 -2.51
CA ILE B 163 -9.59 -40.46 -3.85
C ILE B 163 -10.99 -40.63 -4.45
N ASP B 164 -12.02 -40.83 -3.62
CA ASP B 164 -13.29 -41.29 -4.16
C ASP B 164 -13.96 -40.24 -5.07
N ASP B 165 -13.73 -38.96 -4.84
CA ASP B 165 -14.38 -37.95 -5.67
C ASP B 165 -13.58 -37.56 -6.92
N GLY B 166 -12.39 -38.13 -7.11
CA GLY B 166 -11.62 -37.92 -8.30
C GLY B 166 -10.65 -36.76 -8.29
N LEU B 167 -10.48 -36.09 -7.15
CA LEU B 167 -9.58 -34.94 -7.07
C LEU B 167 -8.17 -35.38 -6.71
N ASN B 168 -7.18 -34.83 -7.43
CA ASN B 168 -5.76 -35.13 -7.23
C ASN B 168 -5.14 -34.17 -6.21
N CYS B 169 -4.19 -34.69 -5.43
CA CYS B 169 -3.61 -33.86 -4.36
C CYS B 169 -2.67 -32.77 -4.86
N ASN B 170 -2.29 -32.77 -6.15
CA ASN B 170 -1.52 -31.67 -6.70
C ASN B 170 -2.30 -30.90 -7.76
N SER B 171 -3.63 -30.95 -7.70
CA SER B 171 -4.49 -30.42 -8.75
C SER B 171 -5.24 -29.18 -8.30
N TRP B 172 -5.46 -28.27 -9.25
CA TRP B 172 -6.31 -27.10 -9.09
C TRP B 172 -7.80 -27.43 -9.22
N GLU B 173 -8.15 -28.64 -9.64
CA GLU B 173 -9.56 -29.03 -9.68
C GLU B 173 -10.16 -28.98 -8.28
N ALA B 174 -11.45 -28.63 -8.19
CA ALA B 174 -12.10 -28.49 -6.88
C ALA B 174 -13.59 -28.78 -6.96
N ARG B 175 -14.13 -29.25 -5.85
CA ARG B 175 -15.55 -29.58 -5.73
C ARG B 175 -15.82 -29.92 -4.26
N PRO B 176 -17.07 -29.87 -3.81
CA PRO B 176 -17.36 -30.16 -2.40
C PRO B 176 -17.09 -31.61 -2.02
N TRP B 177 -16.70 -31.77 -0.75
CA TRP B 177 -16.63 -33.07 -0.08
C TRP B 177 -17.88 -33.89 -0.34
N MET B 178 -17.70 -35.14 -0.78
CA MET B 178 -18.82 -35.91 -1.33
C MET B 178 -19.56 -36.74 -0.28
N TYR B 179 -19.04 -36.82 0.95
CA TYR B 179 -19.56 -37.66 2.02
C TYR B 179 -20.15 -36.78 3.12
N PRO B 180 -20.76 -37.35 4.17
CA PRO B 180 -21.20 -36.50 5.29
C PRO B 180 -20.05 -35.70 5.88
N GLU B 181 -20.36 -34.44 6.18
CA GLU B 181 -19.36 -33.48 6.65
C GLU B 181 -18.62 -33.97 7.90
N LYS B 182 -19.30 -34.75 8.75
CA LYS B 182 -18.68 -35.17 10.02
C LYS B 182 -17.49 -36.10 9.81
N PHE B 183 -17.30 -36.67 8.62
CA PHE B 183 -16.18 -37.55 8.35
C PHE B 183 -14.98 -36.86 7.69
N HIS B 184 -15.02 -35.53 7.53
CA HIS B 184 -13.93 -34.79 6.90
C HIS B 184 -12.62 -34.92 7.71
N PRO B 185 -11.46 -34.98 7.04
CA PRO B 185 -10.19 -35.09 7.80
C PRO B 185 -9.92 -33.92 8.72
N THR B 186 -10.42 -32.73 8.41
CA THR B 186 -10.17 -31.59 9.29
C THR B 186 -10.89 -31.76 10.63
N ASN B 187 -12.17 -32.18 10.59
CA ASN B 187 -12.87 -32.46 11.84
C ASN B 187 -12.14 -33.54 12.64
N TRP B 188 -11.60 -34.53 11.94
CA TRP B 188 -10.98 -35.68 12.61
C TRP B 188 -9.79 -35.25 13.43
N VAL B 189 -8.97 -34.31 12.93
CA VAL B 189 -7.82 -33.85 13.71
C VAL B 189 -8.27 -33.25 15.03
N VAL B 190 -9.31 -32.42 15.00
CA VAL B 190 -9.79 -31.79 16.24
C VAL B 190 -10.48 -32.82 17.14
N SER B 191 -11.30 -33.72 16.58
CA SER B 191 -11.89 -34.79 17.38
C SER B 191 -10.82 -35.59 18.10
N GLU B 192 -9.73 -35.92 17.41
CA GLU B 192 -8.67 -36.72 18.04
C GLU B 192 -7.80 -35.86 18.98
N GLY B 193 -7.68 -34.57 18.70
CA GLY B 193 -7.05 -33.68 19.66
C GLY B 193 -7.85 -33.55 20.95
N ILE B 194 -9.18 -33.58 20.84
CA ILE B 194 -10.01 -33.59 22.04
C ILE B 194 -9.89 -34.92 22.77
N ASN B 195 -9.80 -36.03 22.03
CA ASN B 195 -9.59 -37.33 22.67
C ASN B 195 -8.26 -37.35 23.42
N PHE B 196 -7.23 -36.71 22.88
CA PHE B 196 -5.97 -36.67 23.59
C PHE B 196 -6.11 -35.89 24.90
N LEU B 197 -6.80 -34.75 24.87
CA LEU B 197 -6.99 -33.98 26.11
C LEU B 197 -7.73 -34.81 27.16
N ARG B 198 -8.77 -35.54 26.73
CA ARG B 198 -9.49 -36.45 27.63
C ARG B 198 -8.57 -37.46 28.28
N ARG B 199 -7.67 -38.05 27.50
CA ARG B 199 -6.96 -39.26 27.91
C ARG B 199 -5.53 -39.00 28.33
N LYS B 200 -5.09 -37.74 28.37
CA LYS B 200 -3.68 -37.46 28.66
C LYS B 200 -3.33 -37.72 30.12
N ASP B 201 -2.04 -37.84 30.37
CA ASP B 201 -1.49 -37.99 31.72
C ASP B 201 -1.70 -36.71 32.51
N PRO B 202 -2.53 -36.72 33.56
CA PRO B 202 -2.84 -35.46 34.27
C PRO B 202 -1.69 -34.94 35.13
N THR B 203 -0.62 -35.70 35.34
CA THR B 203 0.45 -35.29 36.25
C THR B 203 1.56 -34.49 35.56
N VAL B 204 1.47 -34.26 34.25
CA VAL B 204 2.54 -33.56 33.52
C VAL B 204 1.91 -32.63 32.50
N PRO B 205 2.63 -31.56 32.14
CA PRO B 205 2.13 -30.67 31.08
C PRO B 205 2.22 -31.36 29.72
N PHE B 206 1.54 -30.79 28.71
CA PHE B 206 1.54 -31.39 27.38
C PHE B 206 2.10 -30.46 26.33
N PHE B 207 2.77 -31.06 25.35
CA PHE B 207 3.16 -30.44 24.09
C PHE B 207 2.38 -31.20 23.02
N LEU B 208 1.44 -30.54 22.38
CA LEU B 208 0.55 -31.18 21.41
C LEU B 208 0.73 -30.51 20.07
N LYS B 209 1.04 -31.29 19.05
CA LYS B 209 1.06 -30.81 17.67
C LYS B 209 -0.24 -31.25 16.98
N LEU B 210 -1.03 -30.27 16.53
CA LEU B 210 -2.25 -30.52 15.76
C LEU B 210 -1.92 -30.14 14.32
N SER B 211 -1.80 -31.13 13.45
CA SER B 211 -1.20 -30.91 12.14
C SER B 211 -2.22 -31.27 11.06
N PHE B 212 -2.90 -30.25 10.53
CA PHE B 212 -3.91 -30.43 9.48
C PHE B 212 -3.27 -30.66 8.11
N GLU B 213 -3.80 -31.62 7.36
CA GLU B 213 -3.31 -31.79 6.00
C GLU B 213 -3.86 -30.72 5.08
N LYS B 214 -5.06 -30.22 5.35
CA LYS B 214 -5.63 -29.12 4.58
C LYS B 214 -4.95 -27.80 4.95
N PRO B 215 -5.01 -26.77 4.07
CA PRO B 215 -5.72 -26.69 2.79
C PRO B 215 -4.97 -27.23 1.55
N HIS B 216 -3.90 -28.01 1.74
CA HIS B 216 -3.28 -28.78 0.66
C HIS B 216 -4.39 -29.57 -0.04
N ALA B 217 -4.36 -29.58 -1.38
CA ALA B 217 -5.33 -30.33 -2.16
C ALA B 217 -5.33 -31.82 -1.76
N PRO B 218 -6.41 -32.56 -2.07
CA PRO B 218 -7.63 -32.21 -2.82
C PRO B 218 -8.45 -31.07 -2.21
N LEU B 219 -8.95 -30.22 -3.10
CA LEU B 219 -9.68 -29.02 -2.70
C LEU B 219 -11.16 -29.37 -2.55
N ASN B 220 -11.47 -30.08 -1.45
CA ASN B 220 -12.83 -30.57 -1.19
C ASN B 220 -13.29 -30.20 0.21
N PRO B 221 -13.59 -28.92 0.46
CA PRO B 221 -14.20 -28.53 1.73
C PRO B 221 -15.63 -29.03 1.79
N PRO B 222 -16.23 -29.07 2.98
CA PRO B 222 -17.67 -29.32 3.06
C PRO B 222 -18.44 -28.35 2.19
N LYS B 223 -19.57 -28.85 1.68
CA LYS B 223 -20.42 -28.10 0.76
C LYS B 223 -20.73 -26.69 1.26
N TYR B 224 -21.02 -26.54 2.55
CA TYR B 224 -21.37 -25.21 3.07
C TYR B 224 -20.30 -24.19 2.71
N TYR B 225 -19.03 -24.55 2.94
CA TYR B 225 -17.94 -23.61 2.75
C TYR B 225 -17.65 -23.41 1.27
N PHE B 226 -17.75 -24.47 0.46
CA PHE B 226 -17.56 -24.34 -0.98
C PHE B 226 -18.58 -23.38 -1.58
N ASP B 227 -19.86 -23.59 -1.27
CA ASP B 227 -20.93 -22.75 -1.83
C ASP B 227 -20.80 -21.31 -1.34
N MET B 228 -20.38 -21.13 -0.09
CA MET B 228 -20.16 -19.79 0.46
C MET B 228 -19.31 -18.94 -0.47
N TYR B 229 -18.17 -19.48 -0.92
CA TYR B 229 -17.29 -18.70 -1.76
C TYR B 229 -17.76 -18.68 -3.21
N MET B 230 -18.34 -19.78 -3.71
CA MET B 230 -18.84 -19.74 -5.07
C MET B 230 -19.89 -18.66 -5.22
N ASP B 231 -20.67 -18.42 -4.16
CA ASP B 231 -21.69 -17.38 -4.18
C ASP B 231 -21.09 -15.97 -4.03
N ARG B 232 -20.01 -15.77 -3.26
CA ARG B 232 -19.60 -14.41 -2.93
C ARG B 232 -18.22 -13.97 -3.41
N LEU B 233 -17.40 -14.84 -3.96
CA LEU B 233 -16.12 -14.37 -4.48
C LEU B 233 -16.35 -13.30 -5.53
N PRO B 234 -15.47 -12.29 -5.64
CA PRO B 234 -15.70 -11.22 -6.62
C PRO B 234 -15.69 -11.75 -8.05
N ASP B 235 -16.26 -10.95 -8.95
CA ASP B 235 -16.42 -11.41 -10.33
C ASP B 235 -15.07 -11.68 -11.00
N THR B 236 -14.15 -10.74 -10.89
CA THR B 236 -12.84 -10.84 -11.51
C THR B 236 -11.80 -11.20 -10.44
N LEU B 237 -10.98 -12.20 -10.73
CA LEU B 237 -9.98 -12.71 -9.79
C LEU B 237 -8.59 -12.35 -10.29
N ASP B 238 -7.86 -11.56 -9.51
CA ASP B 238 -6.61 -10.95 -9.95
C ASP B 238 -5.46 -11.94 -9.77
N LEU B 239 -4.73 -12.20 -10.85
CA LEU B 239 -3.58 -13.11 -10.82
C LEU B 239 -2.26 -12.38 -10.62
N HIS B 240 -2.29 -11.04 -10.46
CA HIS B 240 -1.08 -10.22 -10.30
C HIS B 240 -0.07 -10.44 -11.43
N ILE B 241 -0.55 -10.31 -12.67
CA ILE B 241 0.29 -10.56 -13.83
C ILE B 241 1.08 -9.28 -14.13
N GLY B 242 2.40 -9.36 -13.99
CA GLY B 242 3.26 -8.22 -14.23
C GLY B 242 4.05 -8.30 -15.52
N ASN B 243 5.31 -7.89 -15.49
CA ASN B 243 6.08 -7.70 -16.71
C ASN B 243 7.05 -8.84 -17.03
N TRP B 244 6.96 -9.98 -16.33
CA TRP B 244 7.96 -11.03 -16.51
C TRP B 244 7.38 -12.41 -16.79
N GLU B 245 6.11 -12.65 -16.48
CA GLU B 245 5.52 -13.97 -16.65
C GLU B 245 5.41 -14.35 -18.12
N LYS B 246 5.53 -15.65 -18.39
CA LYS B 246 5.39 -16.21 -19.73
C LYS B 246 4.27 -17.24 -19.73
N LEU B 247 3.36 -17.12 -20.69
CA LEU B 247 2.25 -18.04 -20.86
C LEU B 247 2.59 -18.99 -21.99
N GLU B 248 2.52 -20.29 -21.71
CA GLU B 248 2.89 -21.33 -22.67
C GLU B 248 1.74 -21.73 -23.57
N HIS B 249 0.53 -21.20 -23.33
CA HIS B 249 -0.62 -21.30 -24.24
C HIS B 249 -0.98 -22.75 -24.59
N VAL B 250 -1.17 -23.56 -23.56
CA VAL B 250 -1.60 -24.95 -23.69
C VAL B 250 -2.71 -25.20 -22.70
N VAL B 251 -3.50 -26.24 -22.99
CA VAL B 251 -4.46 -26.76 -22.03
C VAL B 251 -3.72 -27.15 -20.75
N PRO B 252 -4.11 -26.66 -19.58
CA PRO B 252 -3.35 -26.96 -18.36
C PRO B 252 -3.46 -28.44 -17.98
N ASP B 253 -2.31 -29.05 -17.69
CA ASP B 253 -2.28 -30.34 -17.00
C ASP B 253 -3.12 -30.25 -15.74
N VAL B 254 -3.83 -31.33 -15.40
CA VAL B 254 -4.64 -31.27 -14.18
C VAL B 254 -3.77 -31.10 -12.93
N CYS B 255 -2.48 -31.45 -12.99
CA CYS B 255 -1.53 -31.21 -11.89
C CYS B 255 -0.46 -30.20 -12.30
N ALA B 256 -0.85 -29.21 -13.11
CA ALA B 256 0.09 -28.27 -13.69
C ALA B 256 0.90 -27.51 -12.63
N LEU B 257 2.17 -27.25 -12.94
CA LEU B 257 2.99 -26.33 -12.15
C LEU B 257 2.91 -24.90 -12.65
N ARG B 258 2.39 -24.69 -13.85
CA ARG B 258 2.28 -23.34 -14.40
C ARG B 258 1.18 -23.35 -15.47
N GLY B 259 0.67 -22.16 -15.78
CA GLY B 259 -0.31 -21.96 -16.83
C GLY B 259 -1.47 -21.10 -16.34
N ARG B 260 -2.59 -21.19 -17.04
CA ARG B 260 -3.74 -20.34 -16.77
C ARG B 260 -5.02 -21.15 -16.93
N LEU B 261 -5.95 -20.95 -16.01
CA LEU B 261 -7.20 -21.70 -15.96
C LEU B 261 -8.32 -20.89 -16.61
N LYS B 262 -9.33 -21.61 -17.11
CA LYS B 262 -10.62 -20.97 -17.36
C LYS B 262 -11.06 -20.21 -16.12
N GLU B 263 -11.78 -19.11 -16.31
CA GLU B 263 -12.23 -18.33 -15.17
C GLU B 263 -13.08 -19.17 -14.22
N ASP B 264 -13.94 -20.05 -14.75
CA ASP B 264 -14.73 -20.89 -13.84
C ASP B 264 -13.85 -21.83 -13.03
N ASP B 265 -12.78 -22.36 -13.63
CA ASP B 265 -11.87 -23.26 -12.90
C ASP B 265 -11.08 -22.50 -11.84
N GLN B 266 -10.66 -21.26 -12.16
CA GLN B 266 -10.00 -20.43 -11.16
C GLN B 266 -10.94 -20.11 -10.00
N ARG B 267 -12.21 -19.84 -10.31
CA ARG B 267 -13.19 -19.56 -9.26
C ARG B 267 -13.39 -20.77 -8.35
N ARG B 268 -13.55 -21.96 -8.94
CA ARG B 268 -13.75 -23.17 -8.13
C ARG B 268 -12.52 -23.49 -7.30
N MET B 269 -11.33 -23.28 -7.85
CA MET B 269 -10.11 -23.50 -7.08
C MET B 269 -10.08 -22.63 -5.83
N LEU B 270 -10.35 -21.34 -5.98
CA LEU B 270 -10.40 -20.43 -4.84
C LEU B 270 -11.48 -20.84 -3.86
N ALA B 271 -12.66 -21.21 -4.36
CA ALA B 271 -13.74 -21.61 -3.45
C ALA B 271 -13.36 -22.87 -2.68
N GLY B 272 -12.70 -23.82 -3.32
CA GLY B 272 -12.22 -24.98 -2.59
C GLY B 272 -11.15 -24.61 -1.58
N TYR B 273 -10.15 -23.85 -2.01
CA TYR B 273 -9.02 -23.50 -1.15
C TYR B 273 -9.47 -22.64 0.03
N TYR B 274 -10.16 -21.51 -0.24
CA TYR B 274 -10.67 -20.68 0.84
C TYR B 274 -11.67 -21.44 1.71
N GLY B 275 -12.51 -22.27 1.08
CA GLY B 275 -13.47 -23.04 1.86
C GLY B 275 -12.79 -23.96 2.87
N LEU B 276 -11.72 -24.65 2.45
CA LEU B 276 -10.97 -25.49 3.38
C LEU B 276 -10.41 -24.66 4.54
N ILE B 277 -10.00 -23.42 4.26
CA ILE B 277 -9.39 -22.58 5.29
C ILE B 277 -10.43 -22.10 6.29
N SER B 278 -11.60 -21.66 5.81
CA SER B 278 -12.65 -21.22 6.74
C SER B 278 -13.17 -22.39 7.56
N HIS B 279 -13.16 -23.59 6.98
CA HIS B 279 -13.51 -24.81 7.71
C HIS B 279 -12.51 -25.10 8.82
N ILE B 280 -11.20 -25.03 8.50
CA ILE B 280 -10.18 -25.19 9.54
C ILE B 280 -10.42 -24.16 10.65
N ASP B 281 -10.80 -22.95 10.28
CA ASP B 281 -10.98 -21.89 11.25
C ASP B 281 -12.06 -22.24 12.26
N HIS B 282 -13.22 -22.72 11.79
CA HIS B 282 -14.28 -23.16 12.70
C HIS B 282 -13.81 -24.32 13.57
N GLN B 283 -13.09 -25.28 12.98
CA GLN B 283 -12.67 -26.45 13.76
C GLN B 283 -11.62 -26.07 14.80
N ILE B 284 -10.76 -25.10 14.52
CA ILE B 284 -9.84 -24.62 15.55
C ILE B 284 -10.62 -23.96 16.69
N ASN B 285 -11.70 -23.26 16.37
CA ASN B 285 -12.54 -22.70 17.42
C ASN B 285 -13.14 -23.79 18.29
N ARG B 286 -13.55 -24.89 17.68
CA ARG B 286 -13.98 -26.07 18.43
C ARG B 286 -12.92 -26.51 19.42
N PHE B 287 -11.67 -26.59 18.97
CA PHE B 287 -10.60 -27.01 19.85
C PHE B 287 -10.37 -26.01 20.98
N LEU B 288 -10.49 -24.71 20.69
CA LEU B 288 -10.37 -23.71 21.74
C LEU B 288 -11.45 -23.88 22.80
N MET B 289 -12.69 -24.14 22.37
CA MET B 289 -13.78 -24.37 23.32
C MET B 289 -13.46 -25.57 24.20
N ALA B 290 -12.91 -26.63 23.62
CA ALA B 290 -12.56 -27.81 24.40
C ALA B 290 -11.43 -27.53 25.38
N LEU B 291 -10.44 -26.74 24.97
CA LEU B 291 -9.37 -26.38 25.91
C LEU B 291 -9.95 -25.75 27.17
N LYS B 292 -10.99 -24.93 27.00
CA LYS B 292 -11.61 -24.27 28.15
C LYS B 292 -12.37 -25.27 29.03
N GLU B 293 -13.02 -26.26 28.41
CA GLU B 293 -13.68 -27.31 29.19
C GLU B 293 -12.69 -28.08 30.05
N PHE B 294 -11.43 -28.18 29.61
CA PHE B 294 -10.40 -28.84 30.40
C PHE B 294 -9.66 -27.87 31.31
N ARG B 295 -10.12 -26.63 31.40
CA ARG B 295 -9.47 -25.57 32.18
C ARG B 295 -8.01 -25.38 31.75
N HIS B 296 -7.76 -25.47 30.44
CA HIS B 296 -6.43 -25.23 29.91
C HIS B 296 -6.37 -24.01 29.02
N ASP B 297 -7.40 -23.17 29.04
CA ASP B 297 -7.42 -22.01 28.16
C ASP B 297 -6.47 -20.91 28.61
N LYS B 298 -6.05 -20.92 29.88
CA LYS B 298 -5.22 -19.85 30.42
C LYS B 298 -3.81 -20.30 30.78
N ASP B 299 -3.50 -21.60 30.66
CA ASP B 299 -2.16 -22.08 30.97
C ASP B 299 -1.50 -22.73 29.75
N THR B 300 -1.95 -22.38 28.55
CA THR B 300 -1.49 -22.99 27.32
C THR B 300 -1.08 -21.89 26.34
N ILE B 301 0.05 -22.09 25.67
CA ILE B 301 0.50 -21.17 24.63
C ILE B 301 0.33 -21.86 23.29
N ILE B 302 -0.24 -21.16 22.32
CA ILE B 302 -0.54 -21.69 21.00
C ILE B 302 0.29 -20.96 19.95
N TRP B 303 0.98 -21.72 19.09
CA TRP B 303 1.66 -21.19 17.91
C TRP B 303 1.03 -21.82 16.67
N PHE B 304 0.49 -20.98 15.79
CA PHE B 304 -0.09 -21.40 14.53
C PHE B 304 0.90 -21.13 13.41
N ILE B 305 1.05 -22.08 12.49
CA ILE B 305 1.97 -21.86 11.37
C ILE B 305 1.57 -22.75 10.21
N SER B 306 1.95 -22.35 9.00
CA SER B 306 1.82 -23.16 7.81
C SER B 306 3.21 -23.57 7.34
N ASP B 307 3.30 -24.76 6.73
CA ASP B 307 4.62 -25.21 6.29
C ASP B 307 5.12 -24.43 5.06
N HIS B 308 4.21 -23.91 4.23
CA HIS B 308 4.56 -23.16 3.02
C HIS B 308 3.25 -22.67 2.39
N GLY B 309 3.34 -21.87 1.33
CA GLY B 309 2.18 -21.32 0.66
C GLY B 309 1.75 -22.09 -0.56
N ASP B 310 0.97 -21.43 -1.41
CA ASP B 310 0.40 -22.01 -2.62
C ASP B 310 0.37 -20.87 -3.64
N GLN B 311 0.89 -21.10 -4.85
CA GLN B 311 0.86 -20.04 -5.84
C GLN B 311 -0.57 -19.70 -6.28
N LEU B 312 -1.46 -20.70 -6.33
CA LEU B 312 -2.88 -20.44 -6.53
C LEU B 312 -3.18 -19.74 -7.85
N GLY B 313 -2.38 -19.99 -8.90
CA GLY B 313 -2.56 -19.32 -10.17
C GLY B 313 -1.84 -18.00 -10.31
N GLU B 314 -1.40 -17.39 -9.20
CA GLU B 314 -0.64 -16.13 -9.23
C GLU B 314 0.58 -16.24 -10.14
N HIS B 315 0.77 -15.22 -10.99
CA HIS B 315 1.88 -15.17 -11.95
C HIS B 315 1.86 -16.35 -12.92
N TYR B 316 0.69 -16.94 -13.16
CA TYR B 316 0.55 -18.14 -14.01
C TYR B 316 1.34 -19.32 -13.44
N LEU B 317 1.36 -19.43 -12.10
CA LEU B 317 2.05 -20.51 -11.41
C LEU B 317 1.06 -21.21 -10.48
N PHE B 318 1.27 -22.50 -10.27
CA PHE B 318 0.47 -23.29 -9.33
C PHE B 318 1.38 -24.04 -8.37
N ARG B 319 0.78 -24.61 -7.32
CA ARG B 319 1.47 -25.43 -6.34
C ARG B 319 2.53 -24.61 -5.59
N LYS B 320 3.71 -25.16 -5.37
CA LYS B 320 4.71 -24.42 -4.58
C LYS B 320 6.10 -24.81 -5.09
N GLY B 321 7.12 -24.62 -4.25
CA GLY B 321 8.48 -24.85 -4.69
C GLY B 321 9.09 -23.72 -5.49
N TYR B 322 8.45 -22.53 -5.53
CA TYR B 322 8.90 -21.32 -6.21
C TYR B 322 9.47 -20.30 -5.23
N PRO B 323 10.28 -19.35 -5.72
CA PRO B 323 10.81 -18.30 -4.81
C PRO B 323 9.84 -17.17 -4.52
N TYR B 324 8.67 -17.14 -5.16
CA TYR B 324 7.78 -16.00 -5.03
C TYR B 324 7.01 -16.03 -3.70
N GLN B 325 6.50 -14.86 -3.33
CA GLN B 325 5.80 -14.68 -2.05
C GLN B 325 4.68 -15.69 -1.83
N GLY B 326 3.91 -16.00 -2.89
CA GLY B 326 2.85 -17.00 -2.76
C GLY B 326 3.34 -18.31 -2.18
N SER B 327 4.55 -18.74 -2.54
CA SER B 327 5.11 -19.98 -2.00
C SER B 327 5.84 -19.78 -0.67
N ILE B 328 6.62 -18.72 -0.49
CA ILE B 328 7.54 -18.68 0.66
C ILE B 328 6.97 -17.98 1.89
N ARG B 329 6.01 -17.08 1.73
CA ARG B 329 5.50 -16.35 2.87
C ARG B 329 4.39 -17.16 3.55
N ILE B 330 4.52 -17.34 4.87
CA ILE B 330 3.58 -18.19 5.61
C ILE B 330 2.87 -17.43 6.73
N PRO B 331 1.62 -17.79 7.04
CA PRO B 331 0.98 -17.22 8.24
C PRO B 331 1.58 -17.84 9.49
N SER B 332 1.66 -17.03 10.54
CA SER B 332 2.39 -17.45 11.74
C SER B 332 2.11 -16.50 12.88
N PHE B 333 1.64 -17.03 14.02
CA PHE B 333 1.36 -16.17 15.16
C PHE B 333 1.32 -16.99 16.43
N ILE B 334 1.61 -16.30 17.54
CA ILE B 334 1.52 -16.86 18.88
C ILE B 334 0.25 -16.32 19.52
N TYR B 335 -0.55 -17.20 20.11
CA TYR B 335 -1.78 -16.83 20.80
C TYR B 335 -1.60 -17.17 22.27
N ASP B 336 -1.77 -16.17 23.14
CA ASP B 336 -1.37 -16.26 24.54
C ASP B 336 -2.47 -15.66 25.42
N PRO B 337 -3.66 -16.28 25.43
CA PRO B 337 -4.78 -15.67 26.15
C PRO B 337 -4.59 -15.66 27.66
N GLY B 338 -3.73 -16.51 28.20
CA GLY B 338 -3.43 -16.43 29.61
C GLY B 338 -2.40 -15.38 29.96
N ASP B 339 -1.90 -14.65 28.96
CA ASP B 339 -0.89 -13.61 29.15
C ASP B 339 0.33 -14.15 29.89
N LEU B 340 0.76 -15.35 29.51
CA LEU B 340 1.96 -15.92 30.11
C LEU B 340 3.23 -15.25 29.63
N ILE B 341 3.20 -14.60 28.46
CA ILE B 341 4.35 -13.86 27.95
C ILE B 341 4.12 -12.39 28.26
N SER B 342 5.05 -11.76 28.98
CA SER B 342 4.79 -10.40 29.47
C SER B 342 5.02 -9.32 28.41
N ALA B 343 5.52 -9.66 27.24
CA ALA B 343 5.77 -8.64 26.23
C ALA B 343 4.46 -8.07 25.72
N LYS B 344 4.48 -6.78 25.37
CA LYS B 344 3.26 -6.14 24.88
C LYS B 344 2.88 -6.78 23.55
N LYS B 345 1.62 -7.20 23.44
CA LYS B 345 1.19 -7.92 22.24
C LYS B 345 1.07 -6.97 21.05
N HIS B 346 1.66 -7.35 19.91
CA HIS B 346 1.66 -6.53 18.71
C HIS B 346 2.22 -7.35 17.54
N GLY B 347 2.04 -6.82 16.33
CA GLY B 347 2.57 -7.48 15.15
C GLY B 347 4.07 -7.32 15.03
N ILE B 348 4.71 -8.36 14.52
CA ILE B 348 6.16 -8.46 14.40
C ILE B 348 6.53 -8.32 12.93
N LYS B 349 7.36 -7.31 12.62
CA LYS B 349 7.70 -6.96 11.24
C LYS B 349 8.98 -7.63 10.72
N GLU B 350 9.89 -8.06 11.60
CA GLU B 350 11.19 -8.54 11.16
C GLU B 350 11.06 -9.89 10.44
N LEU B 351 12.14 -10.28 9.75
CA LEU B 351 12.17 -11.49 8.92
C LEU B 351 12.32 -12.71 9.82
N VAL B 352 11.24 -13.49 9.95
CA VAL B 352 11.22 -14.70 10.76
C VAL B 352 11.16 -15.90 9.81
N LYS B 353 11.88 -16.97 10.17
CA LYS B 353 11.95 -18.20 9.39
C LYS B 353 11.28 -19.32 10.16
N ILE B 354 10.83 -20.34 9.43
CA ILE B 354 10.24 -21.50 10.09
C ILE B 354 11.24 -22.17 11.02
N GLN B 355 12.55 -21.99 10.77
CA GLN B 355 13.60 -22.51 11.65
C GLN B 355 13.57 -21.87 13.05
N ASP B 356 12.92 -20.71 13.21
CA ASP B 356 12.93 -20.02 14.49
C ASP B 356 11.94 -20.58 15.50
N ILE B 357 10.93 -21.36 15.07
CA ILE B 357 9.87 -21.81 15.99
C ILE B 357 10.44 -22.63 17.13
N PHE B 358 11.26 -23.64 16.81
CA PHE B 358 11.88 -24.55 17.75
C PHE B 358 12.62 -23.76 18.85
N PRO B 359 13.70 -23.04 18.55
CA PRO B 359 14.38 -22.31 19.65
C PRO B 359 13.50 -21.26 20.34
N SER B 360 12.54 -20.66 19.64
CA SER B 360 11.66 -19.69 20.29
C SER B 360 10.81 -20.36 21.36
N LEU B 361 10.22 -21.52 21.04
CA LEU B 361 9.34 -22.21 21.98
C LEU B 361 10.13 -22.70 23.19
N VAL B 362 11.33 -23.25 22.96
CA VAL B 362 12.15 -23.74 24.06
C VAL B 362 12.61 -22.60 24.96
N ASP B 363 12.95 -21.45 24.36
CA ASP B 363 13.33 -20.27 25.15
C ASP B 363 12.14 -19.73 25.93
N LEU B 364 11.02 -19.45 25.24
CA LEU B 364 9.89 -18.77 25.86
C LEU B 364 9.24 -19.63 26.94
N VAL B 365 9.13 -20.94 26.73
CA VAL B 365 8.35 -21.80 27.61
C VAL B 365 9.25 -22.55 28.58
N LEU B 366 10.39 -23.05 28.12
CA LEU B 366 11.29 -23.84 28.97
C LEU B 366 12.44 -23.03 29.56
N GLY B 367 12.65 -21.80 29.14
CA GLY B 367 13.80 -21.02 29.59
C GLY B 367 15.14 -21.66 29.32
N GLN B 368 15.33 -22.24 28.14
CA GLN B 368 16.56 -22.91 27.75
C GLN B 368 17.02 -22.48 26.36
N TYR B 369 18.32 -22.63 26.15
CA TYR B 369 18.94 -22.40 24.85
C TYR B 369 18.94 -23.70 24.07
N VAL B 370 18.68 -23.60 22.77
CA VAL B 370 18.79 -24.71 21.83
C VAL B 370 19.90 -24.36 20.84
N ASN B 371 20.85 -25.26 20.67
CA ASN B 371 21.94 -25.05 19.70
C ASN B 371 21.44 -25.49 18.32
N THR B 372 20.97 -24.54 17.53
CA THR B 372 20.48 -24.78 16.18
C THR B 372 20.63 -23.51 15.35
N ASP B 373 20.24 -23.60 14.08
CA ASP B 373 20.41 -22.45 13.19
C ASP B 373 19.35 -21.37 13.42
N GLY B 374 18.10 -21.76 13.64
CA GLY B 374 17.07 -20.78 13.95
C GLY B 374 17.39 -20.04 15.24
N LYS B 375 16.71 -18.90 15.43
CA LYS B 375 16.95 -18.05 16.59
C LYS B 375 15.64 -17.74 17.30
N SER B 376 15.72 -17.57 18.62
CA SER B 376 14.52 -17.28 19.39
C SER B 376 14.02 -15.86 19.12
N VAL B 377 12.72 -15.74 18.82
CA VAL B 377 12.09 -14.44 18.62
C VAL B 377 11.75 -13.69 19.91
N LYS B 378 12.12 -14.22 21.08
CA LYS B 378 11.74 -13.58 22.35
C LYS B 378 12.05 -12.07 22.37
N GLN B 379 13.28 -11.70 22.02
CA GLN B 379 13.64 -10.28 22.06
C GLN B 379 12.81 -9.44 21.09
N LEU B 380 12.45 -10.01 19.93
CA LEU B 380 11.54 -9.30 19.03
C LEU B 380 10.22 -8.96 19.71
N LEU B 381 9.66 -9.92 20.48
CA LEU B 381 8.40 -9.66 21.16
C LEU B 381 8.51 -8.47 22.11
N PHE B 382 9.67 -8.29 22.73
CA PHE B 382 9.91 -7.17 23.64
C PHE B 382 10.44 -5.93 22.92
N GLY B 383 10.50 -5.94 21.59
CA GLY B 383 10.83 -4.75 20.81
C GLY B 383 12.29 -4.58 20.47
N ASN B 384 13.10 -5.64 20.61
CA ASN B 384 14.55 -5.58 20.49
C ASN B 384 15.04 -6.43 19.33
N CYS B 385 15.41 -5.79 18.22
CA CYS B 385 15.90 -6.52 17.06
C CYS B 385 17.40 -6.82 17.16
N GLU B 386 17.98 -6.71 18.35
CA GLU B 386 19.38 -7.04 18.58
C GLU B 386 19.72 -8.40 17.98
N GLY B 387 20.81 -8.44 17.21
CA GLY B 387 21.27 -9.67 16.57
C GLY B 387 20.37 -10.26 15.50
N TRP B 388 19.28 -9.58 15.13
CA TRP B 388 18.35 -10.19 14.17
C TRP B 388 18.87 -10.14 12.74
N ARG B 389 18.54 -11.18 11.97
CA ARG B 389 18.96 -11.25 10.58
C ARG B 389 18.38 -10.09 9.77
N ARG B 390 19.16 -9.65 8.77
CA ARG B 390 18.70 -8.66 7.81
C ARG B 390 18.17 -9.29 6.53
N GLU B 391 18.42 -10.57 6.33
CA GLU B 391 18.13 -11.20 5.06
C GLU B 391 17.89 -12.68 5.28
N ILE B 392 17.27 -13.30 4.30
CA ILE B 392 17.03 -14.73 4.27
C ILE B 392 17.58 -15.24 2.95
N HIS B 393 18.35 -16.33 3.00
CA HIS B 393 18.67 -17.07 1.79
C HIS B 393 17.81 -18.32 1.72
N GLY B 394 16.96 -18.40 0.70
CA GLY B 394 16.19 -19.59 0.41
C GLY B 394 16.48 -20.09 -0.99
N GLU B 395 15.76 -21.16 -1.37
CA GLU B 395 16.03 -21.87 -2.61
C GLU B 395 15.03 -23.03 -2.73
N HIS B 396 14.97 -23.60 -3.94
CA HIS B 396 14.24 -24.85 -4.10
C HIS B 396 14.67 -25.48 -5.42
N SER B 397 14.86 -26.79 -5.40
CA SER B 397 15.07 -27.55 -6.62
C SER B 397 13.72 -27.74 -7.32
N LEU B 398 13.68 -27.42 -8.61
CA LEU B 398 12.44 -27.51 -9.37
C LEU B 398 12.76 -27.61 -10.86
N GLY B 399 13.64 -28.55 -11.21
CA GLY B 399 14.05 -28.72 -12.60
C GLY B 399 14.60 -27.44 -13.20
N LEU B 400 14.08 -27.09 -14.38
CA LEU B 400 14.46 -25.86 -15.07
C LEU B 400 14.20 -24.65 -14.21
N ASP B 401 13.18 -24.71 -13.35
CA ASP B 401 12.75 -23.58 -12.54
C ASP B 401 13.35 -23.60 -11.14
N SER B 402 14.42 -24.38 -10.93
CA SER B 402 15.16 -24.33 -9.67
C SER B 402 15.60 -22.90 -9.39
N SER B 403 15.50 -22.48 -8.13
CA SER B 403 15.74 -21.09 -7.78
C SER B 403 16.68 -20.96 -6.59
N GLN B 404 17.28 -19.78 -6.50
CA GLN B 404 18.07 -19.31 -5.38
C GLN B 404 17.69 -17.87 -5.16
N TYR B 405 17.47 -17.45 -3.91
CA TYR B 405 17.02 -16.08 -3.74
C TYR B 405 17.53 -15.50 -2.43
N ILE B 406 17.71 -14.19 -2.41
CA ILE B 406 17.96 -13.45 -1.18
C ILE B 406 16.81 -12.49 -0.97
N LEU B 407 16.24 -12.53 0.23
CA LEU B 407 15.16 -11.63 0.62
C LEU B 407 15.64 -10.76 1.76
N THR B 408 15.52 -9.46 1.61
CA THR B 408 15.72 -8.50 2.68
C THR B 408 14.43 -7.77 2.93
N GLU B 409 14.46 -6.80 3.83
CA GLU B 409 13.25 -6.03 4.08
C GLU B 409 12.93 -5.09 2.93
N LYS B 410 13.86 -4.88 1.99
CA LYS B 410 13.60 -4.02 0.85
C LYS B 410 13.56 -4.76 -0.48
N TRP B 411 14.39 -5.79 -0.68
CA TRP B 411 14.58 -6.38 -2.00
C TRP B 411 14.34 -7.89 -1.96
N LYS B 412 13.93 -8.44 -3.10
CA LYS B 412 14.11 -9.87 -3.37
C LYS B 412 14.89 -10.03 -4.67
N PHE B 413 16.02 -10.71 -4.58
CA PHE B 413 16.87 -11.02 -5.72
C PHE B 413 16.81 -12.52 -5.97
N ILE B 414 16.43 -12.91 -7.18
CA ILE B 414 16.24 -14.31 -7.54
C ILE B 414 17.19 -14.68 -8.68
N TRP B 415 17.76 -15.88 -8.60
CA TRP B 415 18.56 -16.43 -9.68
C TRP B 415 18.02 -17.81 -9.99
N PHE B 416 17.75 -18.08 -11.27
CA PHE B 416 17.41 -19.42 -11.73
C PHE B 416 18.64 -20.04 -12.38
N PRO B 417 19.40 -20.90 -11.69
CA PRO B 417 20.74 -21.25 -12.19
C PRO B 417 20.79 -22.19 -13.38
N VAL B 418 19.72 -22.93 -13.67
CA VAL B 418 19.70 -23.78 -14.86
C VAL B 418 19.35 -22.96 -16.10
N LYS B 419 18.43 -22.00 -15.94
CA LYS B 419 18.10 -21.02 -16.95
C LYS B 419 19.13 -19.89 -17.02
N ASN B 420 19.84 -19.64 -15.93
CA ASN B 420 20.76 -18.51 -15.79
C ASN B 420 20.06 -17.19 -16.09
N THR B 421 18.89 -17.01 -15.50
CA THR B 421 18.19 -15.73 -15.53
C THR B 421 18.00 -15.21 -14.11
N TYR B 422 17.77 -13.89 -14.02
CA TYR B 422 17.71 -13.19 -12.75
C TYR B 422 16.46 -12.31 -12.69
N GLN B 423 15.99 -12.07 -11.46
CA GLN B 423 14.93 -11.10 -11.22
C GLN B 423 15.25 -10.30 -9.97
N LEU B 424 14.67 -9.10 -9.91
CA LEU B 424 14.80 -8.22 -8.76
C LEU B 424 13.48 -7.50 -8.52
N PHE B 425 13.03 -7.49 -7.28
CA PHE B 425 11.75 -6.90 -6.94
C PHE B 425 11.89 -6.01 -5.72
N ASP B 426 11.23 -4.85 -5.78
CA ASP B 426 11.13 -3.92 -4.65
C ASP B 426 10.00 -4.42 -3.77
N MET B 427 10.35 -5.05 -2.65
CA MET B 427 9.32 -5.67 -1.82
C MET B 427 8.43 -4.67 -1.10
N ILE B 428 8.88 -3.42 -0.92
CA ILE B 428 8.05 -2.43 -0.24
C ILE B 428 6.99 -1.89 -1.19
N ASN B 429 7.40 -1.50 -2.40
CA ASN B 429 6.48 -0.87 -3.34
C ASN B 429 5.86 -1.83 -4.33
N ASP B 430 6.38 -3.06 -4.43
CA ASP B 430 5.87 -4.08 -5.34
C ASP B 430 5.71 -5.39 -4.57
N PRO B 431 4.88 -5.40 -3.52
CA PRO B 431 4.80 -6.60 -2.66
C PRO B 431 4.33 -7.84 -3.39
N ASN B 432 3.64 -7.70 -4.52
CA ASN B 432 3.16 -8.83 -5.29
C ASN B 432 4.05 -9.14 -6.49
N GLU B 433 5.27 -8.58 -6.51
CA GLU B 433 6.33 -8.97 -7.44
C GLU B 433 5.85 -8.96 -8.89
N MET B 434 5.30 -7.82 -9.30
CA MET B 434 4.85 -7.66 -10.68
C MET B 434 5.83 -6.91 -11.57
N LYS B 435 6.83 -6.24 -11.01
CA LYS B 435 7.74 -5.40 -11.79
C LYS B 435 9.17 -5.89 -11.61
N ASN B 436 9.62 -6.77 -12.51
CA ASN B 436 11.01 -7.20 -12.50
C ASN B 436 11.90 -6.00 -12.85
N LEU B 437 12.89 -5.73 -12.00
CA LEU B 437 13.75 -4.57 -12.15
C LEU B 437 15.14 -4.92 -12.68
N TYR B 438 15.40 -6.20 -12.98
CA TYR B 438 16.76 -6.61 -13.23
C TYR B 438 17.37 -5.94 -14.45
N TYR B 439 16.56 -5.58 -15.44
CA TYR B 439 17.05 -5.01 -16.69
C TYR B 439 17.10 -3.49 -16.66
N ASP B 440 16.69 -2.88 -15.55
CA ASP B 440 16.78 -1.43 -15.37
C ASP B 440 18.17 -1.08 -14.85
N LYS B 441 18.90 -0.23 -15.59
CA LYS B 441 20.26 0.12 -15.22
C LYS B 441 20.31 0.92 -13.91
N LYS B 442 19.21 1.54 -13.51
CA LYS B 442 19.20 2.30 -12.26
C LYS B 442 19.50 1.41 -11.04
N TYR B 443 19.37 0.08 -11.18
CA TYR B 443 19.56 -0.84 -10.07
C TYR B 443 20.86 -1.65 -10.20
N GLU B 444 21.79 -1.18 -11.04
CA GLU B 444 23.02 -1.93 -11.30
C GLU B 444 23.80 -2.19 -10.01
N SER B 445 23.74 -1.27 -9.06
CA SER B 445 24.52 -1.41 -7.84
C SER B 445 23.94 -2.51 -6.93
N ILE B 446 22.63 -2.44 -6.66
CA ILE B 446 21.96 -3.49 -5.88
C ILE B 446 22.24 -4.85 -6.50
N ILE B 447 22.06 -4.96 -7.81
CA ILE B 447 22.18 -6.24 -8.50
C ILE B 447 23.58 -6.81 -8.33
N TYR B 448 24.60 -5.97 -8.47
CA TYR B 448 25.97 -6.44 -8.30
C TYR B 448 26.22 -6.89 -6.86
N GLU B 449 25.79 -6.09 -5.88
CA GLU B 449 25.85 -6.49 -4.47
C GLU B 449 25.10 -7.81 -4.22
N MET B 450 23.88 -7.92 -4.75
CA MET B 450 23.06 -9.12 -4.54
C MET B 450 23.72 -10.36 -5.15
N LYS B 451 24.26 -10.24 -6.38
CA LYS B 451 25.02 -11.34 -6.95
C LYS B 451 26.20 -11.69 -6.07
N HIS B 452 26.86 -10.68 -5.49
CA HIS B 452 28.01 -10.93 -4.63
C HIS B 452 27.59 -11.73 -3.38
N LYS B 453 26.46 -11.35 -2.75
CA LYS B 453 25.99 -12.10 -1.58
C LYS B 453 25.66 -13.54 -1.94
N LEU B 454 25.10 -13.77 -3.13
CA LEU B 454 24.75 -15.13 -3.54
C LEU B 454 26.00 -16.00 -3.67
N VAL B 455 27.08 -15.42 -4.22
CA VAL B 455 28.35 -16.16 -4.24
C VAL B 455 28.74 -16.56 -2.83
N GLY B 456 28.58 -15.64 -1.87
CA GLY B 456 28.88 -15.96 -0.47
C GLY B 456 28.11 -17.17 0.03
N TYR B 457 26.81 -17.25 -0.29
CA TYR B 457 26.01 -18.38 0.21
C TYR B 457 26.36 -19.66 -0.53
N LEU B 458 26.71 -19.59 -1.81
CA LEU B 458 26.74 -20.78 -2.65
C LEU B 458 28.14 -21.30 -2.97
N LYS B 459 29.19 -20.52 -2.69
CA LYS B 459 30.55 -21.00 -2.93
C LYS B 459 30.78 -22.29 -2.15
N GLY B 460 31.23 -23.34 -2.84
CA GLY B 460 31.49 -24.62 -2.21
C GLY B 460 30.37 -25.63 -2.30
N ARG B 461 29.16 -25.20 -2.69
CA ARG B 461 28.04 -26.13 -2.85
C ARG B 461 28.35 -27.15 -3.93
N GLU B 462 27.92 -28.39 -3.71
CA GLU B 462 28.25 -29.48 -4.60
C GLU B 462 27.69 -29.29 -6.00
N GLU B 463 26.67 -28.47 -6.18
CA GLU B 463 26.04 -28.35 -7.48
C GLU B 463 26.87 -27.54 -8.47
N GLY B 464 27.89 -26.83 -8.00
CA GLY B 464 28.73 -26.04 -8.88
C GLY B 464 28.15 -24.71 -9.27
N PHE B 465 27.36 -24.09 -8.39
CA PHE B 465 26.78 -22.77 -8.68
C PHE B 465 27.86 -21.73 -8.92
N VAL B 466 28.99 -21.86 -8.23
CA VAL B 466 30.04 -20.86 -8.22
C VAL B 466 31.31 -21.48 -8.79
N LYS B 467 31.90 -20.82 -9.78
CA LYS B 467 33.21 -21.18 -10.33
C LYS B 467 34.05 -19.92 -10.37
N ASN B 468 35.22 -19.96 -9.73
CA ASN B 468 36.14 -18.81 -9.64
C ASN B 468 35.41 -17.55 -9.20
N GLY B 469 34.71 -17.63 -8.06
CA GLY B 469 34.07 -16.49 -7.46
C GLY B 469 32.92 -15.89 -8.24
N GLN B 470 32.41 -16.58 -9.26
CA GLN B 470 31.31 -16.04 -10.03
C GLN B 470 30.19 -17.07 -10.15
N LEU B 471 28.97 -16.55 -10.30
CA LEU B 471 27.79 -17.41 -10.51
C LEU B 471 27.75 -17.87 -11.96
N ILE B 472 27.56 -19.16 -12.17
CA ILE B 472 27.62 -19.75 -13.51
C ILE B 472 26.41 -20.64 -13.75
N GLN B 473 25.89 -20.59 -14.97
CA GLN B 473 24.82 -21.49 -15.37
C GLN B 473 25.25 -22.92 -15.15
N ILE B 474 24.32 -23.75 -14.66
CA ILE B 474 24.60 -25.16 -14.45
C ILE B 474 23.61 -25.98 -15.26
N GLY B 475 24.00 -27.22 -15.54
CA GLY B 475 23.10 -28.13 -16.20
C GLY B 475 22.10 -28.70 -15.23
N ILE B 476 20.95 -29.08 -15.79
CA ILE B 476 19.86 -29.57 -14.94
C ILE B 476 20.28 -30.81 -14.16
N SER B 477 21.21 -31.60 -14.71
CA SER B 477 21.63 -32.82 -14.01
C SER B 477 22.38 -32.52 -12.70
N ASN B 478 22.83 -31.28 -12.50
CA ASN B 478 23.51 -30.93 -11.25
C ASN B 478 22.54 -30.65 -10.11
N ILE B 479 21.28 -30.36 -10.41
CA ILE B 479 20.31 -30.04 -9.38
C ILE B 479 20.04 -31.28 -8.52
N VAL B 480 20.04 -31.10 -7.20
CA VAL B 480 19.65 -32.16 -6.28
C VAL B 480 18.62 -31.60 -5.29
N SER B 481 17.81 -32.49 -4.72
CA SER B 481 16.85 -32.10 -3.68
C SER B 481 17.40 -32.29 -2.28
N THR B 482 18.42 -33.14 -2.13
CA THR B 482 19.10 -33.38 -0.86
C THR B 482 20.59 -33.36 -1.15
N LEU B 483 21.35 -32.66 -0.32
CA LEU B 483 22.80 -32.55 -0.47
C LEU B 483 23.50 -33.83 -0.06
#